data_6H42
#
_entry.id   6H42
#
_cell.length_a   127.700
_cell.length_b   157.820
_cell.length_c   47.770
_cell.angle_alpha   90.000
_cell.angle_beta   108.460
_cell.angle_gamma   90.000
#
_symmetry.space_group_name_H-M   'C 1 2 1'
#
loop_
_entity.id
_entity.type
_entity.pdbx_description
1 polymer 'Queuine tRNA-ribosyltransferase catalytic subunit 1'
2 non-polymer 'POTASSIUM ION'
3 non-polymer 'ZINC ION'
4 non-polymer 'CHLORIDE ION'
5 non-polymer 'BROMIDE ION'
6 non-polymer 'GLUTAMIC ACID'
7 water water
#
_entity_poly.entity_id   1
_entity_poly.type   'polypeptide(L)'
_entity_poly.pdbx_seq_one_letter_code
;ESAPRIMRLVAECSRSRARAGELWLPHGTVATPVFMPVGTQATMKGITTEQLDALGCRICLGNTYHLGLRPGPELIQKAN
GLHGFMNWPHNLLTDSGGFQMVSLVSLSEVTEEGVRFRSPYDGNETLLSPEKSVQIQNALGSDIIMQLDDVVSSTVTGPR
VEEAMYRSIRWLDRCIAAHQRPDKQNLFAIIQGGLDADLRATCLEEMTKRDVPGFAIGGLSGGESKSQFWRMVALSTSRL
PKDKPRYLMGVGYATDLVVCVALGCDMFDCVFPTRTARFGSALVPTGNLQLRKKVFEKDFGPIDPECTCPTCQKHSRAFL
HALLHSDNTAALHHLTVHNIAYQLQLMSAVRTSIVEKRFPDFVRDFMGAMYGDPTLCPTWATDALASVGITLG
;
_entity_poly.pdbx_strand_id   A,B
#
loop_
_chem_comp.id
_chem_comp.type
_chem_comp.name
_chem_comp.formula
BR non-polymer 'BROMIDE ION' 'Br -1'
CL non-polymer 'CHLORIDE ION' 'Cl -1'
K non-polymer 'POTASSIUM ION' 'K 1'
ZN non-polymer 'ZINC ION' 'Zn 2'
#
# COMPACT_ATOMS: atom_id res chain seq x y z
N GLU A 1 -44.94 -5.19 -12.13
CA GLU A 1 -44.15 -5.86 -13.15
C GLU A 1 -42.69 -5.93 -12.72
N SER A 2 -42.44 -5.60 -11.45
CA SER A 2 -41.09 -5.57 -10.91
C SER A 2 -40.74 -6.91 -10.26
N ALA A 3 -39.50 -7.33 -10.45
CA ALA A 3 -39.01 -8.56 -9.86
C ALA A 3 -39.00 -8.44 -8.33
N PRO A 4 -39.18 -9.55 -7.62
CA PRO A 4 -39.17 -9.49 -6.15
C PRO A 4 -37.82 -9.01 -5.63
N ARG A 5 -37.89 -8.24 -4.54
CA ARG A 5 -36.70 -7.68 -3.92
C ARG A 5 -36.17 -8.64 -2.86
N ILE A 6 -34.85 -8.89 -2.91
CA ILE A 6 -34.22 -9.79 -1.95
C ILE A 6 -33.80 -9.09 -0.67
N MET A 7 -33.79 -7.76 -0.64
CA MET A 7 -33.29 -7.01 0.50
C MET A 7 -34.41 -6.21 1.15
N ARG A 8 -34.42 -6.21 2.48
CA ARG A 8 -35.35 -5.42 3.27
C ARG A 8 -34.55 -4.46 4.14
N LEU A 9 -34.86 -3.17 4.02
CA LEU A 9 -34.20 -2.16 4.84
C LEU A 9 -34.87 -2.12 6.22
N VAL A 10 -34.08 -2.38 7.26
CA VAL A 10 -34.59 -2.33 8.63
C VAL A 10 -34.44 -0.93 9.23
N ALA A 11 -33.32 -0.27 8.96
CA ALA A 11 -33.09 1.07 9.48
C ALA A 11 -32.09 1.79 8.59
N GLU A 12 -32.30 3.09 8.42
CA GLU A 12 -31.39 3.95 7.66
C GLU A 12 -30.95 5.10 8.55
N CYS A 13 -29.66 5.37 8.58
CA CYS A 13 -29.13 6.47 9.39
C CYS A 13 -29.69 7.80 8.89
N SER A 14 -30.12 8.64 9.83
CA SER A 14 -30.71 9.92 9.47
C SER A 14 -29.70 10.90 8.91
N ARG A 15 -28.41 10.68 9.15
CA ARG A 15 -27.36 11.57 8.63
C ARG A 15 -26.63 10.93 7.46
N SER A 16 -25.86 9.88 7.70
CA SER A 16 -25.06 9.26 6.65
C SER A 16 -25.96 8.39 5.77
N ARG A 17 -25.34 7.61 4.88
CA ARG A 17 -26.05 6.68 4.02
C ARG A 17 -26.06 5.27 4.59
N ALA A 18 -25.71 5.10 5.87
CA ALA A 18 -25.60 3.78 6.45
C ALA A 18 -26.96 3.10 6.50
N ARG A 19 -26.97 1.79 6.21
CA ARG A 19 -28.20 1.02 6.12
C ARG A 19 -28.05 -0.27 6.91
N ALA A 20 -29.07 -0.61 7.69
CA ALA A 20 -29.18 -1.91 8.32
C ALA A 20 -30.31 -2.67 7.63
N GLY A 21 -30.01 -3.85 7.10
CA GLY A 21 -30.96 -4.59 6.31
C GLY A 21 -30.80 -6.09 6.47
N GLU A 22 -31.60 -6.81 5.69
CA GLU A 22 -31.64 -8.26 5.72
C GLU A 22 -31.64 -8.75 4.28
N LEU A 23 -30.84 -9.78 4.01
CA LEU A 23 -30.85 -10.45 2.72
C LEU A 23 -31.67 -11.73 2.85
N TRP A 24 -32.69 -11.87 2.02
CA TRP A 24 -33.54 -13.06 2.05
C TRP A 24 -33.19 -13.92 0.85
N LEU A 25 -32.29 -14.87 1.08
CA LEU A 25 -31.74 -15.76 0.07
C LEU A 25 -32.28 -17.18 0.25
N PRO A 26 -32.11 -18.04 -0.76
CA PRO A 26 -32.66 -19.40 -0.65
C PRO A 26 -32.15 -20.21 0.53
N HIS A 27 -30.98 -19.87 1.09
CA HIS A 27 -30.41 -20.63 2.20
C HIS A 27 -30.45 -19.86 3.52
N GLY A 28 -31.39 -18.93 3.67
CA GLY A 28 -31.62 -18.25 4.92
C GLY A 28 -31.38 -16.75 4.83
N THR A 29 -31.74 -16.09 5.92
CA THR A 29 -31.63 -14.64 6.02
C THR A 29 -30.22 -14.23 6.44
N VAL A 30 -29.73 -13.14 5.86
CA VAL A 30 -28.40 -12.60 6.17
C VAL A 30 -28.56 -11.16 6.62
N ALA A 31 -28.03 -10.85 7.80
CA ALA A 31 -28.06 -9.48 8.30
C ALA A 31 -26.99 -8.64 7.62
N THR A 32 -27.35 -7.43 7.22
CA THR A 32 -26.44 -6.51 6.57
C THR A 32 -26.29 -5.23 7.38
N PRO A 33 -25.15 -4.54 7.31
CA PRO A 33 -23.95 -4.82 6.50
C PRO A 33 -23.21 -6.08 6.94
N VAL A 34 -22.67 -6.82 5.97
CA VAL A 34 -22.08 -8.13 6.21
C VAL A 34 -20.73 -8.21 5.53
N PHE A 35 -19.72 -8.68 6.26
CA PHE A 35 -18.46 -9.11 5.68
C PHE A 35 -18.55 -10.59 5.33
N MET A 36 -18.04 -10.95 4.17
CA MET A 36 -18.20 -12.31 3.65
C MET A 36 -16.86 -13.00 3.53
N PRO A 37 -16.54 -13.94 4.44
CA PRO A 37 -15.26 -14.64 4.35
C PRO A 37 -15.24 -15.63 3.20
N VAL A 38 -14.04 -16.08 2.86
CA VAL A 38 -13.86 -17.09 1.83
C VAL A 38 -14.10 -18.46 2.44
N GLY A 39 -15.15 -19.15 2.00
CA GLY A 39 -15.44 -20.48 2.47
C GLY A 39 -14.69 -21.53 1.68
N THR A 40 -14.21 -21.14 0.50
CA THR A 40 -13.42 -22.05 -0.32
C THR A 40 -12.17 -22.47 0.42
N GLN A 41 -11.93 -23.78 0.46
CA GLN A 41 -10.74 -24.31 1.12
C GLN A 41 -9.65 -24.63 0.12
N ALA A 42 -9.31 -23.65 -0.72
CA ALA A 42 -8.17 -23.81 -1.64
C ALA A 42 -6.84 -23.62 -0.93
N THR A 43 -6.86 -23.28 0.35
CA THR A 43 -5.65 -23.00 1.12
C THR A 43 -5.47 -24.04 2.21
N MET A 44 -4.25 -24.57 2.32
CA MET A 44 -3.92 -25.44 3.45
C MET A 44 -4.12 -24.71 4.77
N LYS A 45 -3.73 -23.43 4.75
CA LYS A 45 -3.86 -22.54 5.93
C LYS A 45 -5.21 -21.84 5.82
N GLY A 46 -6.14 -22.12 6.74
CA GLY A 46 -7.41 -21.45 6.67
C GLY A 46 -8.36 -21.93 7.75
N ILE A 47 -9.63 -21.63 7.55
CA ILE A 47 -10.69 -21.96 8.50
C ILE A 47 -11.71 -22.82 7.78
N THR A 48 -12.16 -23.88 8.44
CA THR A 48 -13.13 -24.78 7.84
C THR A 48 -14.52 -24.15 7.83
N THR A 49 -15.39 -24.68 6.97
CA THR A 49 -16.75 -24.18 6.89
C THR A 49 -17.53 -24.47 8.17
N GLU A 50 -17.22 -25.58 8.85
CA GLU A 50 -17.89 -25.88 10.11
C GLU A 50 -17.55 -24.83 11.16
N GLN A 51 -16.33 -24.28 11.13
CA GLN A 51 -15.96 -23.23 12.05
C GLN A 51 -16.60 -21.90 11.66
N LEU A 52 -16.73 -21.64 10.36
CA LEU A 52 -17.46 -20.45 9.92
C LEU A 52 -18.90 -20.49 10.41
N ASP A 53 -19.52 -21.67 10.35
CA ASP A 53 -20.86 -21.83 10.89
C ASP A 53 -20.89 -21.54 12.39
N ALA A 54 -19.88 -22.02 13.13
CA ALA A 54 -19.84 -21.77 14.56
C ALA A 54 -19.65 -20.29 14.87
N LEU A 55 -18.92 -19.57 14.02
CA LEU A 55 -18.73 -18.14 14.23
C LEU A 55 -19.98 -17.32 13.93
N GLY A 56 -21.02 -17.93 13.38
CA GLY A 56 -22.23 -17.22 13.02
C GLY A 56 -22.30 -16.76 11.58
N CYS A 57 -21.30 -17.09 10.77
CA CYS A 57 -21.31 -16.68 9.36
C CYS A 57 -22.47 -17.34 8.63
N ARG A 58 -23.30 -16.53 7.99
CA ARG A 58 -24.45 -17.03 7.25
C ARG A 58 -24.35 -16.80 5.75
N ILE A 59 -23.21 -16.29 5.27
CA ILE A 59 -22.93 -16.23 3.84
C ILE A 59 -21.42 -16.09 3.64
N CYS A 60 -20.86 -16.92 2.77
CA CYS A 60 -19.43 -16.89 2.49
C CYS A 60 -19.21 -17.02 0.99
N LEU A 61 -17.99 -16.72 0.57
CA LEU A 61 -17.64 -16.86 -0.84
C LEU A 61 -17.18 -18.29 -1.11
N GLY A 62 -17.56 -18.79 -2.30
CA GLY A 62 -17.17 -20.14 -2.76
C GLY A 62 -16.95 -20.16 -4.26
N ASN A 63 -15.82 -20.70 -4.71
CA ASN A 63 -15.54 -20.80 -6.16
C ASN A 63 -14.80 -22.12 -6.44
N THR A 64 -14.83 -22.59 -7.69
CA THR A 64 -14.19 -23.88 -8.06
C THR A 64 -12.98 -23.66 -8.98
N TYR A 65 -12.47 -22.44 -9.06
CA TYR A 65 -11.35 -22.19 -9.97
C TYR A 65 -10.14 -23.06 -9.62
N HIS A 66 -9.90 -23.27 -8.32
CA HIS A 66 -8.72 -24.00 -7.87
C HIS A 66 -8.79 -25.49 -8.18
N LEU A 67 -9.97 -26.01 -8.53
CA LEU A 67 -10.12 -27.43 -8.82
C LEU A 67 -9.76 -27.70 -10.29
N GLY A 68 -9.68 -28.98 -10.61
CA GLY A 68 -9.55 -29.41 -12.00
C GLY A 68 -8.13 -29.41 -12.53
N LEU A 69 -8.03 -29.68 -13.83
CA LEU A 69 -6.75 -29.81 -14.51
C LEU A 69 -6.28 -28.51 -15.14
N ARG A 70 -7.20 -27.66 -15.57
CA ARG A 70 -6.90 -26.41 -16.25
C ARG A 70 -7.36 -25.23 -15.41
N PRO A 71 -6.82 -24.04 -15.64
CA PRO A 71 -7.33 -22.85 -14.96
C PRO A 71 -8.70 -22.47 -15.48
N GLY A 72 -9.43 -21.72 -14.65
CA GLY A 72 -10.79 -21.34 -14.95
C GLY A 72 -11.77 -22.04 -14.04
N PRO A 73 -13.01 -21.57 -14.02
CA PRO A 73 -14.04 -22.25 -13.21
C PRO A 73 -14.27 -23.67 -13.71
N GLU A 74 -14.59 -24.56 -12.78
CA GLU A 74 -14.71 -25.98 -13.07
C GLU A 74 -16.07 -26.50 -12.62
N LEU A 75 -16.60 -27.44 -13.40
CA LEU A 75 -17.78 -28.19 -12.97
C LEU A 75 -17.36 -29.31 -12.04
N ILE A 76 -18.14 -29.51 -10.98
CA ILE A 76 -17.79 -30.50 -9.96
C ILE A 76 -18.61 -31.78 -10.08
N GLN A 77 -19.68 -31.79 -10.87
CA GLN A 77 -20.51 -32.98 -11.10
C GLN A 77 -20.99 -33.58 -9.79
N LYS A 78 -21.48 -32.73 -8.90
CA LYS A 78 -21.98 -33.14 -7.60
C LYS A 78 -23.50 -33.02 -7.59
N ALA A 79 -24.16 -33.99 -6.96
CA ALA A 79 -25.62 -33.99 -6.93
C ALA A 79 -26.16 -32.80 -6.14
N ASN A 80 -25.49 -32.42 -5.06
CA ASN A 80 -25.92 -31.31 -4.22
C ASN A 80 -25.18 -30.01 -4.53
N GLY A 81 -24.47 -29.94 -5.66
CA GLY A 81 -23.86 -28.70 -6.07
C GLY A 81 -22.71 -28.26 -5.18
N LEU A 82 -22.43 -26.96 -5.23
CA LEU A 82 -21.33 -26.41 -4.44
C LEU A 82 -21.67 -26.38 -2.96
N HIS A 83 -22.96 -26.32 -2.60
CA HIS A 83 -23.34 -26.41 -1.20
C HIS A 83 -22.95 -27.77 -0.61
N GLY A 84 -23.26 -28.84 -1.33
CA GLY A 84 -22.88 -30.16 -0.85
C GLY A 84 -21.38 -30.39 -0.87
N PHE A 85 -20.70 -29.88 -1.89
CA PHE A 85 -19.25 -30.00 -1.95
C PHE A 85 -18.59 -29.31 -0.76
N MET A 86 -19.11 -28.15 -0.37
CA MET A 86 -18.56 -27.39 0.74
C MET A 86 -19.15 -27.78 2.09
N ASN A 87 -20.18 -28.64 2.10
CA ASN A 87 -20.88 -29.00 3.34
C ASN A 87 -21.41 -27.76 4.03
N TRP A 88 -21.85 -26.78 3.23
CA TRP A 88 -22.24 -25.49 3.76
C TRP A 88 -23.75 -25.38 3.75
N PRO A 89 -24.44 -25.30 4.90
CA PRO A 89 -25.90 -25.20 4.92
C PRO A 89 -26.41 -23.77 4.65
N HIS A 90 -25.52 -22.78 4.70
CA HIS A 90 -25.89 -21.35 4.55
C HIS A 90 -25.75 -20.84 3.12
N ASN A 91 -25.75 -19.52 2.96
CA ASN A 91 -25.66 -18.83 1.65
C ASN A 91 -24.24 -18.84 1.08
N LEU A 92 -24.15 -18.89 -0.25
CA LEU A 92 -22.91 -18.91 -1.00
C LEU A 92 -22.96 -17.84 -2.08
N LEU A 93 -21.89 -17.05 -2.19
CA LEU A 93 -21.70 -16.11 -3.28
C LEU A 93 -20.53 -16.59 -4.12
N THR A 94 -20.76 -16.80 -5.41
CA THR A 94 -19.76 -17.39 -6.29
C THR A 94 -19.34 -16.39 -7.36
N ASP A 95 -18.03 -16.19 -7.49
CA ASP A 95 -17.46 -15.33 -8.51
C ASP A 95 -17.71 -15.93 -9.90
N SER A 96 -17.37 -15.14 -10.93
CA SER A 96 -17.48 -15.64 -12.29
C SER A 96 -16.30 -16.51 -12.70
N GLY A 97 -15.18 -16.41 -12.00
CA GLY A 97 -13.96 -17.08 -12.39
C GLY A 97 -13.11 -16.31 -13.37
N GLY A 98 -13.60 -15.19 -13.88
CA GLY A 98 -12.87 -14.40 -14.86
C GLY A 98 -11.74 -13.58 -14.29
N PHE A 99 -11.94 -12.99 -13.12
CA PHE A 99 -10.88 -12.20 -12.49
C PHE A 99 -9.66 -13.06 -12.20
N GLN A 100 -9.87 -14.27 -11.67
CA GLN A 100 -8.74 -15.15 -11.38
C GLN A 100 -8.03 -15.58 -12.66
N MET A 101 -8.75 -15.62 -13.79
CA MET A 101 -8.16 -16.12 -15.02
C MET A 101 -7.22 -15.08 -15.63
N VAL A 102 -7.61 -13.80 -15.61
CA VAL A 102 -6.78 -12.76 -16.21
C VAL A 102 -5.71 -12.25 -15.24
N SER A 103 -5.89 -12.43 -13.94
CA SER A 103 -4.95 -11.91 -12.95
C SER A 103 -3.83 -12.89 -12.64
N LEU A 104 -4.15 -14.17 -12.45
CA LEU A 104 -3.18 -15.18 -12.01
C LEU A 104 -2.37 -15.76 -13.17
N VAL A 105 -3.03 -16.06 -14.29
CA VAL A 105 -2.34 -16.68 -15.43
C VAL A 105 -1.46 -15.67 -16.14
N SER A 106 -1.98 -14.47 -16.39
CA SER A 106 -1.24 -13.38 -17.02
C SER A 106 -0.90 -13.69 -18.48
N LEU A 107 -1.21 -14.89 -18.94
CA LEU A 107 -1.11 -15.25 -20.35
C LEU A 107 -2.47 -15.28 -21.02
N SER A 108 -3.52 -14.90 -20.30
CA SER A 108 -4.86 -14.85 -20.84
C SER A 108 -5.07 -13.57 -21.63
N GLU A 109 -5.92 -13.65 -22.65
CA GLU A 109 -6.31 -12.50 -23.44
C GLU A 109 -7.81 -12.31 -23.37
N VAL A 110 -8.24 -11.06 -23.41
CA VAL A 110 -9.64 -10.70 -23.28
C VAL A 110 -10.15 -10.21 -24.63
N THR A 111 -11.12 -10.93 -25.19
CA THR A 111 -11.81 -10.51 -26.40
C THR A 111 -13.29 -10.32 -26.09
N GLU A 112 -14.03 -9.85 -27.09
CA GLU A 112 -15.47 -9.72 -26.93
C GLU A 112 -16.16 -11.06 -26.73
N GLU A 113 -15.55 -12.15 -27.18
CA GLU A 113 -16.14 -13.47 -27.02
C GLU A 113 -16.00 -13.99 -25.59
N GLY A 114 -14.95 -13.59 -24.88
CA GLY A 114 -14.77 -14.01 -23.51
C GLY A 114 -13.29 -13.98 -23.13
N VAL A 115 -12.98 -14.73 -22.07
CA VAL A 115 -11.60 -14.85 -21.57
C VAL A 115 -10.99 -16.12 -22.15
N ARG A 116 -9.84 -15.97 -22.79
CA ARG A 116 -9.17 -17.08 -23.46
C ARG A 116 -7.87 -17.41 -22.75
N PHE A 117 -7.48 -18.69 -22.82
CA PHE A 117 -6.23 -19.16 -22.22
C PHE A 117 -5.71 -20.34 -23.02
N ARG A 118 -4.46 -20.24 -23.49
CA ARG A 118 -3.79 -21.34 -24.16
C ARG A 118 -3.05 -22.17 -23.10
N SER A 119 -3.21 -23.50 -23.17
CA SER A 119 -2.63 -24.38 -22.17
C SER A 119 -1.11 -24.25 -22.16
N PRO A 120 -0.48 -24.38 -20.99
CA PRO A 120 0.98 -24.26 -20.94
C PRO A 120 1.70 -25.45 -21.55
N TYR A 121 1.16 -26.66 -21.35
CA TYR A 121 1.82 -27.87 -21.84
C TYR A 121 1.60 -28.07 -23.33
N ASP A 122 0.34 -28.02 -23.77
CA ASP A 122 -0.01 -28.37 -25.13
C ASP A 122 -0.67 -27.25 -25.93
N GLY A 123 -1.03 -26.13 -25.30
CA GLY A 123 -1.65 -25.05 -26.02
C GLY A 123 -3.14 -25.16 -26.23
N ASN A 124 -3.79 -26.13 -25.60
CA ASN A 124 -5.24 -26.22 -25.69
C ASN A 124 -5.88 -24.99 -25.08
N GLU A 125 -6.90 -24.46 -25.76
CA GLU A 125 -7.47 -23.18 -25.41
C GLU A 125 -8.76 -23.35 -24.62
N THR A 126 -8.85 -22.67 -23.49
CA THR A 126 -10.05 -22.58 -22.68
C THR A 126 -10.64 -21.19 -22.83
N LEU A 127 -11.90 -21.12 -23.26
CA LEU A 127 -12.58 -19.85 -23.46
C LEU A 127 -13.70 -19.74 -22.43
N LEU A 128 -13.66 -18.68 -21.64
CA LEU A 128 -14.68 -18.41 -20.63
C LEU A 128 -15.57 -17.28 -21.15
N SER A 129 -16.70 -17.65 -21.75
CA SER A 129 -17.66 -16.70 -22.25
C SER A 129 -18.71 -16.41 -21.19
N PRO A 130 -19.47 -15.31 -21.33
CA PRO A 130 -20.59 -15.07 -20.41
C PRO A 130 -21.60 -16.20 -20.39
N GLU A 131 -21.78 -16.89 -21.52
CA GLU A 131 -22.66 -18.05 -21.53
C GLU A 131 -22.07 -19.18 -20.70
N LYS A 132 -20.78 -19.45 -20.87
CA LYS A 132 -20.14 -20.53 -20.13
C LYS A 132 -20.01 -20.18 -18.65
N SER A 133 -19.80 -18.90 -18.33
CA SER A 133 -19.64 -18.50 -16.93
C SER A 133 -20.94 -18.70 -16.15
N VAL A 134 -22.08 -18.47 -16.80
CA VAL A 134 -23.36 -18.62 -16.11
C VAL A 134 -23.80 -20.08 -16.07
N GLN A 135 -23.48 -20.86 -17.12
CA GLN A 135 -23.84 -22.27 -17.13
C GLN A 135 -23.17 -23.01 -15.98
N ILE A 136 -21.91 -22.67 -15.68
CA ILE A 136 -21.22 -23.27 -14.54
C ILE A 136 -21.89 -22.85 -13.24
N GLN A 137 -22.21 -21.56 -13.11
CA GLN A 137 -22.83 -21.06 -11.89
C GLN A 137 -24.21 -21.66 -11.67
N ASN A 138 -24.94 -21.93 -12.75
CA ASN A 138 -26.24 -22.58 -12.61
C ASN A 138 -26.08 -23.99 -12.06
N ALA A 139 -25.03 -24.71 -12.48
CA ALA A 139 -24.81 -26.05 -11.97
C ALA A 139 -24.33 -26.04 -10.54
N LEU A 140 -23.57 -25.01 -10.14
CA LEU A 140 -23.07 -24.94 -8.77
C LEU A 140 -24.19 -24.60 -7.79
N GLY A 141 -25.23 -23.91 -8.24
CA GLY A 141 -26.36 -23.61 -7.39
C GLY A 141 -26.11 -22.59 -6.30
N SER A 142 -25.14 -21.71 -6.48
CA SER A 142 -24.84 -20.71 -5.46
C SER A 142 -25.97 -19.69 -5.36
N ASP A 143 -26.13 -19.14 -4.15
CA ASP A 143 -27.26 -18.26 -3.88
C ASP A 143 -27.13 -16.93 -4.61
N ILE A 144 -25.91 -16.41 -4.72
CA ILE A 144 -25.64 -15.18 -5.46
C ILE A 144 -24.51 -15.46 -6.44
N ILE A 145 -24.72 -15.13 -7.71
CA ILE A 145 -23.73 -15.34 -8.76
C ILE A 145 -23.38 -14.01 -9.37
N MET A 146 -22.09 -13.83 -9.68
CA MET A 146 -21.56 -12.56 -10.14
C MET A 146 -21.46 -12.54 -11.67
N GLN A 147 -21.77 -11.39 -12.25
CA GLN A 147 -21.60 -11.19 -13.67
C GLN A 147 -20.14 -11.38 -14.08
N LEU A 148 -19.92 -11.96 -15.26
CA LEU A 148 -18.60 -11.97 -15.87
C LEU A 148 -18.33 -10.59 -16.46
N ASP A 149 -17.28 -9.94 -15.99
CA ASP A 149 -16.98 -8.57 -16.40
C ASP A 149 -15.57 -8.49 -16.96
N ASP A 150 -15.33 -7.44 -17.75
CA ASP A 150 -14.02 -7.14 -18.31
C ASP A 150 -13.27 -6.30 -17.29
N VAL A 151 -12.39 -6.93 -16.53
CA VAL A 151 -11.70 -6.29 -15.43
C VAL A 151 -10.39 -5.68 -15.93
N VAL A 152 -10.20 -4.40 -15.64
CA VAL A 152 -8.96 -3.70 -15.97
C VAL A 152 -8.34 -3.16 -14.70
N SER A 153 -7.02 -3.01 -14.72
CA SER A 153 -6.32 -2.43 -13.58
C SER A 153 -6.75 -0.99 -13.39
N SER A 154 -7.08 -0.63 -12.15
CA SER A 154 -7.53 0.72 -11.86
C SER A 154 -6.44 1.76 -12.17
N THR A 155 -5.17 1.35 -12.09
CA THR A 155 -4.07 2.25 -12.42
C THR A 155 -3.94 2.45 -13.93
N VAL A 156 -4.26 1.43 -14.72
CA VAL A 156 -4.18 1.56 -16.18
C VAL A 156 -5.18 2.59 -16.65
N THR A 157 -4.74 3.51 -17.51
CA THR A 157 -5.58 4.58 -18.03
C THR A 157 -5.60 4.52 -19.55
N GLY A 158 -6.67 5.04 -20.13
CA GLY A 158 -6.82 5.11 -21.57
C GLY A 158 -8.11 4.51 -22.06
N PRO A 159 -8.23 4.34 -23.37
CA PRO A 159 -9.47 3.75 -23.93
C PRO A 159 -9.73 2.34 -23.46
N ARG A 160 -8.73 1.63 -22.93
CA ARG A 160 -8.95 0.28 -22.44
C ARG A 160 -9.96 0.27 -21.30
N VAL A 161 -9.96 1.31 -20.46
CA VAL A 161 -10.92 1.39 -19.36
C VAL A 161 -12.34 1.54 -19.91
N GLU A 162 -12.51 2.43 -20.88
CA GLU A 162 -13.83 2.61 -21.49
C GLU A 162 -14.24 1.37 -22.28
N GLU A 163 -13.26 0.72 -22.93
CA GLU A 163 -13.55 -0.51 -23.67
C GLU A 163 -14.10 -1.58 -22.73
N ALA A 164 -13.47 -1.76 -21.57
CA ALA A 164 -13.92 -2.77 -20.62
C ALA A 164 -15.27 -2.41 -20.02
N MET A 165 -15.53 -1.13 -19.80
CA MET A 165 -16.79 -0.72 -19.20
C MET A 165 -17.97 -1.04 -20.11
N TYR A 166 -17.85 -0.73 -21.40
CA TYR A 166 -18.91 -1.05 -22.35
C TYR A 166 -19.01 -2.56 -22.56
N ARG A 167 -17.87 -3.26 -22.55
CA ARG A 167 -17.91 -4.72 -22.70
C ARG A 167 -18.59 -5.38 -21.51
N SER A 168 -18.44 -4.81 -20.31
CA SER A 168 -19.11 -5.36 -19.15
C SER A 168 -20.62 -5.17 -19.23
N ILE A 169 -21.08 -4.11 -19.90
CA ILE A 169 -22.52 -3.94 -20.11
C ILE A 169 -23.03 -4.99 -21.09
N ARG A 170 -22.29 -5.22 -22.17
CA ARG A 170 -22.70 -6.23 -23.14
C ARG A 170 -22.63 -7.63 -22.53
N TRP A 171 -21.64 -7.88 -21.69
CA TRP A 171 -21.54 -9.18 -21.04
C TRP A 171 -22.62 -9.35 -19.97
N LEU A 172 -23.02 -8.26 -19.32
CA LEU A 172 -24.10 -8.33 -18.33
C LEU A 172 -25.39 -8.81 -18.98
N ASP A 173 -25.74 -8.23 -20.14
CA ASP A 173 -26.94 -8.67 -20.85
C ASP A 173 -26.82 -10.10 -21.34
N ARG A 174 -25.60 -10.53 -21.71
CA ARG A 174 -25.41 -11.91 -22.11
C ARG A 174 -25.62 -12.86 -20.93
N CYS A 175 -25.15 -12.49 -19.74
CA CYS A 175 -25.33 -13.32 -18.56
C CYS A 175 -26.80 -13.43 -18.16
N ILE A 176 -27.58 -12.37 -18.39
CA ILE A 176 -28.98 -12.36 -17.97
C ILE A 176 -29.79 -13.38 -18.77
N ALA A 177 -29.60 -13.31 -20.09
CA ALA A 177 -30.30 -14.16 -21.09
C ALA A 177 -29.94 -15.62 -20.87
N ALA A 178 -28.67 -15.87 -20.52
CA ALA A 178 -28.14 -17.24 -20.34
C ALA A 178 -28.44 -17.75 -18.94
N HIS A 179 -29.01 -16.92 -18.07
CA HIS A 179 -29.22 -17.33 -16.67
C HIS A 179 -30.55 -18.04 -16.43
N GLN A 180 -30.53 -19.36 -16.48
CA GLN A 180 -31.62 -20.15 -15.93
C GLN A 180 -31.54 -20.10 -14.41
N ARG A 181 -32.61 -20.56 -13.77
CA ARG A 181 -32.75 -20.54 -12.31
C ARG A 181 -32.63 -19.13 -11.72
N PRO A 182 -33.39 -18.13 -12.19
CA PRO A 182 -33.45 -16.87 -11.44
C PRO A 182 -34.33 -16.97 -10.21
N ASP A 183 -35.07 -18.08 -10.06
CA ASP A 183 -35.83 -18.37 -8.85
C ASP A 183 -34.97 -18.93 -7.73
N LYS A 184 -33.74 -19.36 -8.03
CA LYS A 184 -32.85 -19.94 -7.04
C LYS A 184 -31.53 -19.19 -6.89
N GLN A 185 -31.12 -18.42 -7.88
CA GLN A 185 -29.84 -17.71 -7.84
C GLN A 185 -30.06 -16.26 -8.23
N ASN A 186 -29.30 -15.36 -7.60
CA ASN A 186 -29.42 -13.92 -7.84
C ASN A 186 -28.15 -13.43 -8.54
N LEU A 187 -28.32 -12.92 -9.76
CA LEU A 187 -27.22 -12.43 -10.56
C LEU A 187 -26.97 -10.96 -10.25
N PHE A 188 -25.76 -10.63 -9.81
CA PHE A 188 -25.37 -9.26 -9.52
C PHE A 188 -24.61 -8.67 -10.70
N ALA A 189 -24.88 -7.41 -11.00
CA ALA A 189 -24.08 -6.66 -11.94
C ALA A 189 -22.89 -6.04 -11.22
N ILE A 190 -21.85 -5.73 -11.98
CA ILE A 190 -20.62 -5.16 -11.44
C ILE A 190 -20.37 -3.83 -12.15
N ILE A 191 -20.44 -2.74 -11.40
CA ILE A 191 -20.20 -1.41 -11.97
C ILE A 191 -18.71 -1.24 -12.25
N GLN A 192 -18.39 -0.89 -13.49
CA GLN A 192 -17.02 -0.66 -13.93
C GLN A 192 -16.76 0.84 -14.08
N GLY A 193 -15.72 1.19 -14.83
CA GLY A 193 -15.39 2.57 -15.10
C GLY A 193 -14.07 3.03 -14.51
N GLY A 194 -13.39 2.19 -13.74
CA GLY A 194 -12.11 2.58 -13.17
C GLY A 194 -12.25 3.75 -12.22
N LEU A 195 -11.34 4.72 -12.36
CA LEU A 195 -11.36 5.94 -11.56
C LEU A 195 -11.95 7.13 -12.30
N ASP A 196 -12.56 6.89 -13.47
CA ASP A 196 -13.15 7.94 -14.28
C ASP A 196 -14.59 8.19 -13.82
N ALA A 197 -14.88 9.43 -13.41
CA ALA A 197 -16.21 9.75 -12.91
C ALA A 197 -17.27 9.64 -13.99
N ASP A 198 -16.93 10.03 -15.23
CA ASP A 198 -17.91 9.98 -16.31
C ASP A 198 -18.12 8.57 -16.83
N LEU A 199 -17.08 7.74 -16.82
CA LEU A 199 -17.25 6.35 -17.27
C LEU A 199 -18.09 5.56 -16.29
N ARG A 200 -17.84 5.72 -14.98
CA ARG A 200 -18.63 5.01 -13.99
C ARG A 200 -20.07 5.53 -13.96
N ALA A 201 -20.26 6.83 -14.16
CA ALA A 201 -21.61 7.38 -14.23
C ALA A 201 -22.37 6.78 -15.42
N THR A 202 -21.70 6.61 -16.55
CA THR A 202 -22.33 5.95 -17.69
C THR A 202 -22.66 4.50 -17.36
N CYS A 203 -21.72 3.80 -16.71
CA CYS A 203 -21.97 2.42 -16.32
C CYS A 203 -23.07 2.33 -15.27
N LEU A 204 -23.13 3.30 -14.36
CA LEU A 204 -24.19 3.31 -13.36
C LEU A 204 -25.55 3.55 -14.01
N GLU A 205 -25.61 4.50 -14.95
CA GLU A 205 -26.88 4.79 -15.62
C GLU A 205 -27.34 3.62 -16.47
N GLU A 206 -26.42 2.95 -17.16
CA GLU A 206 -26.80 1.87 -18.07
C GLU A 206 -27.12 0.59 -17.30
N MET A 207 -26.28 0.20 -16.36
CA MET A 207 -26.45 -1.09 -15.69
C MET A 207 -27.66 -1.09 -14.76
N THR A 208 -28.01 0.07 -14.19
CA THR A 208 -29.19 0.13 -13.34
C THR A 208 -30.48 0.04 -14.14
N LYS A 209 -30.41 0.11 -15.47
CA LYS A 209 -31.58 -0.13 -16.30
C LYS A 209 -32.01 -1.59 -16.28
N ARG A 210 -31.08 -2.50 -16.00
CA ARG A 210 -31.40 -3.92 -15.91
C ARG A 210 -31.95 -4.24 -14.53
N ASP A 211 -32.87 -5.19 -14.49
CA ASP A 211 -33.55 -5.56 -13.24
C ASP A 211 -32.91 -6.80 -12.63
N VAL A 212 -31.62 -6.67 -12.33
CA VAL A 212 -30.88 -7.72 -11.64
C VAL A 212 -31.10 -7.53 -10.14
N PRO A 213 -31.05 -8.60 -9.34
CA PRO A 213 -31.39 -8.47 -7.91
C PRO A 213 -30.45 -7.56 -7.14
N GLY A 214 -29.19 -7.44 -7.53
CA GLY A 214 -28.25 -6.64 -6.78
C GLY A 214 -27.21 -6.01 -7.68
N PHE A 215 -26.44 -5.10 -7.09
CA PHE A 215 -25.40 -4.36 -7.81
C PHE A 215 -24.11 -4.36 -7.00
N ALA A 216 -22.98 -4.52 -7.70
CA ALA A 216 -21.68 -4.55 -7.08
C ALA A 216 -20.82 -3.42 -7.61
N ILE A 217 -19.88 -2.96 -6.79
CA ILE A 217 -18.95 -1.89 -7.15
C ILE A 217 -17.60 -2.52 -7.39
N GLY A 218 -17.17 -2.56 -8.65
CA GLY A 218 -15.93 -3.21 -9.01
C GLY A 218 -14.83 -2.27 -9.46
N GLY A 219 -13.60 -2.77 -9.44
CA GLY A 219 -12.46 -2.01 -9.92
C GLY A 219 -11.83 -1.07 -8.91
N LEU A 220 -12.10 -1.25 -7.62
CA LEU A 220 -11.63 -0.30 -6.61
C LEU A 220 -10.73 -0.92 -5.55
N SER A 221 -10.47 -2.23 -5.60
CA SER A 221 -9.52 -2.82 -4.68
C SER A 221 -8.08 -2.56 -5.08
N GLY A 222 -7.85 -2.06 -6.30
CA GLY A 222 -6.50 -1.78 -6.76
C GLY A 222 -5.84 -0.67 -5.96
N GLY A 223 -4.56 -0.48 -6.25
CA GLY A 223 -3.75 0.48 -5.52
C GLY A 223 -3.92 1.91 -5.96
N GLU A 224 -5.17 2.38 -6.06
CA GLU A 224 -5.41 3.78 -6.37
C GLU A 224 -5.24 4.62 -5.12
N SER A 225 -5.45 5.93 -5.26
CA SER A 225 -5.40 6.82 -4.13
C SER A 225 -6.66 6.67 -3.29
N LYS A 226 -6.52 6.91 -1.98
CA LYS A 226 -7.67 6.80 -1.09
C LYS A 226 -8.71 7.86 -1.39
N SER A 227 -8.29 9.01 -1.94
CA SER A 227 -9.25 10.03 -2.36
C SER A 227 -10.09 9.53 -3.52
N GLN A 228 -9.43 8.99 -4.55
CA GLN A 228 -10.18 8.41 -5.67
C GLN A 228 -10.99 7.21 -5.24
N PHE A 229 -10.55 6.50 -4.20
CA PHE A 229 -11.28 5.33 -3.73
C PHE A 229 -12.64 5.71 -3.18
N TRP A 230 -12.67 6.59 -2.17
CA TRP A 230 -13.93 6.91 -1.52
C TRP A 230 -14.84 7.72 -2.44
N ARG A 231 -14.28 8.50 -3.36
CA ARG A 231 -15.11 9.27 -4.27
C ARG A 231 -15.87 8.36 -5.23
N MET A 232 -15.20 7.34 -5.78
CA MET A 232 -15.89 6.42 -6.68
C MET A 232 -16.93 5.58 -5.94
N VAL A 233 -16.69 5.29 -4.65
CA VAL A 233 -17.69 4.58 -3.85
C VAL A 233 -18.92 5.46 -3.64
N ALA A 234 -18.71 6.70 -3.18
CA ALA A 234 -19.83 7.60 -2.94
C ALA A 234 -20.58 7.90 -4.24
N LEU A 235 -19.85 8.03 -5.34
CA LEU A 235 -20.50 8.23 -6.64
C LEU A 235 -21.37 7.05 -7.00
N SER A 236 -20.88 5.83 -6.76
CA SER A 236 -21.64 4.64 -7.10
C SER A 236 -22.91 4.53 -6.25
N THR A 237 -22.77 4.62 -4.92
CA THR A 237 -23.92 4.48 -4.05
C THR A 237 -24.93 5.62 -4.23
N SER A 238 -24.47 6.79 -4.69
CA SER A 238 -25.39 7.90 -4.93
C SER A 238 -26.32 7.63 -6.11
N ARG A 239 -25.97 6.72 -7.00
CA ARG A 239 -26.75 6.44 -8.19
C ARG A 239 -27.24 5.01 -8.27
N LEU A 240 -26.86 4.15 -7.32
CA LEU A 240 -27.42 2.80 -7.25
C LEU A 240 -28.74 2.84 -6.48
N PRO A 241 -29.67 1.94 -6.81
CA PRO A 241 -30.98 1.97 -6.14
C PRO A 241 -30.86 1.58 -4.67
N LYS A 242 -31.61 2.30 -3.83
CA LYS A 242 -31.56 2.05 -2.40
C LYS A 242 -32.31 0.78 -2.00
N ASP A 243 -33.23 0.30 -2.83
CA ASP A 243 -34.02 -0.88 -2.53
C ASP A 243 -33.34 -2.18 -2.96
N LYS A 244 -32.05 -2.14 -3.23
CA LYS A 244 -31.27 -3.31 -3.65
C LYS A 244 -29.90 -3.26 -2.99
N PRO A 245 -29.27 -4.42 -2.78
CA PRO A 245 -27.98 -4.44 -2.09
C PRO A 245 -26.88 -3.78 -2.89
N ARG A 246 -25.88 -3.25 -2.18
CA ARG A 246 -24.67 -2.69 -2.76
C ARG A 246 -23.48 -3.49 -2.24
N TYR A 247 -22.77 -4.14 -3.16
CA TYR A 247 -21.65 -5.03 -2.84
C TYR A 247 -20.35 -4.36 -3.29
N LEU A 248 -19.55 -3.93 -2.33
CA LEU A 248 -18.24 -3.35 -2.61
C LEU A 248 -17.19 -4.45 -2.51
N MET A 249 -16.64 -4.84 -3.65
CA MET A 249 -15.73 -5.98 -3.71
C MET A 249 -14.31 -5.57 -3.35
N GLY A 250 -13.63 -6.43 -2.60
CA GLY A 250 -12.20 -6.24 -2.28
C GLY A 250 -11.87 -5.29 -1.15
N VAL A 251 -12.82 -4.92 -0.28
CA VAL A 251 -12.43 -4.01 0.84
C VAL A 251 -12.57 -4.76 2.16
N GLY A 252 -11.50 -4.81 2.96
CA GLY A 252 -11.59 -5.55 4.24
C GLY A 252 -11.01 -4.81 5.44
N TYR A 253 -10.28 -3.72 5.23
CA TYR A 253 -9.67 -3.00 6.39
C TYR A 253 -10.79 -2.46 7.26
N ALA A 254 -10.60 -2.47 8.59
CA ALA A 254 -11.67 -2.07 9.49
C ALA A 254 -12.13 -0.64 9.20
N THR A 255 -11.18 0.28 8.98
CA THR A 255 -11.55 1.66 8.72
C THR A 255 -12.28 1.79 7.39
N ASP A 256 -11.85 1.03 6.38
CA ASP A 256 -12.53 1.07 5.09
C ASP A 256 -13.95 0.55 5.19
N LEU A 257 -14.20 -0.41 6.08
CA LEU A 257 -15.55 -0.96 6.23
C LEU A 257 -16.49 0.06 6.85
N VAL A 258 -16.05 0.71 7.94
CA VAL A 258 -16.92 1.67 8.64
C VAL A 258 -17.24 2.85 7.73
N VAL A 259 -16.24 3.34 6.99
CA VAL A 259 -16.46 4.48 6.09
C VAL A 259 -17.43 4.09 4.99
N CYS A 260 -17.21 2.93 4.37
CA CYS A 260 -18.05 2.52 3.24
C CYS A 260 -19.45 2.10 3.67
N VAL A 261 -19.63 1.69 4.93
CA VAL A 261 -20.98 1.55 5.46
C VAL A 261 -21.65 2.92 5.54
N ALA A 262 -20.90 3.91 6.05
CA ALA A 262 -21.39 5.28 6.08
C ALA A 262 -21.65 5.84 4.68
N LEU A 263 -21.02 5.28 3.65
CA LEU A 263 -21.27 5.68 2.29
C LEU A 263 -22.40 4.91 1.63
N GLY A 264 -22.96 3.91 2.30
CA GLY A 264 -24.11 3.19 1.81
C GLY A 264 -23.87 1.79 1.28
N CYS A 265 -22.74 1.17 1.60
CA CYS A 265 -22.44 -0.17 1.12
C CYS A 265 -22.98 -1.22 2.10
N ASP A 266 -23.33 -2.38 1.55
CA ASP A 266 -23.98 -3.44 2.32
C ASP A 266 -23.17 -4.72 2.42
N MET A 267 -22.33 -5.03 1.44
CA MET A 267 -21.62 -6.31 1.42
C MET A 267 -20.16 -6.07 1.10
N PHE A 268 -19.29 -6.87 1.73
CA PHE A 268 -17.85 -6.72 1.58
C PHE A 268 -17.18 -8.08 1.55
N ASP A 269 -16.01 -8.14 0.93
CA ASP A 269 -15.18 -9.33 0.97
C ASP A 269 -13.72 -8.91 0.81
N CYS A 270 -12.84 -9.66 1.48
CA CYS A 270 -11.40 -9.40 1.41
C CYS A 270 -10.64 -10.49 2.16
N VAL A 271 -9.47 -10.89 1.63
CA VAL A 271 -8.67 -11.91 2.28
C VAL A 271 -7.74 -11.26 3.31
N PHE A 272 -7.97 -9.97 3.57
CA PHE A 272 -7.19 -9.24 4.56
C PHE A 272 -7.12 -9.92 5.93
N PRO A 273 -8.19 -10.49 6.50
CA PRO A 273 -8.02 -11.17 7.79
C PRO A 273 -7.08 -12.35 7.73
N THR A 274 -7.10 -13.11 6.63
CA THR A 274 -6.21 -14.26 6.51
C THR A 274 -4.75 -13.82 6.37
N ARG A 275 -4.50 -12.80 5.53
CA ARG A 275 -3.13 -12.34 5.34
C ARG A 275 -2.59 -11.64 6.59
N THR A 276 -3.47 -11.01 7.38
CA THR A 276 -3.04 -10.40 8.63
C THR A 276 -2.54 -11.46 9.60
N ALA A 277 -3.20 -12.63 9.62
CA ALA A 277 -2.80 -13.68 10.55
C ALA A 277 -1.42 -14.23 10.22
N ARG A 278 -1.06 -14.29 8.94
CA ARG A 278 0.20 -14.89 8.53
C ARG A 278 1.40 -14.03 8.94
N PHE A 279 1.19 -12.74 9.21
CA PHE A 279 2.23 -11.92 9.81
C PHE A 279 2.25 -12.04 11.34
N GLY A 280 1.54 -13.02 11.90
CA GLY A 280 1.44 -13.14 13.35
C GLY A 280 0.70 -11.99 13.99
N SER A 281 -0.35 -11.50 13.32
CA SER A 281 -1.05 -10.30 13.76
C SER A 281 -2.53 -10.61 13.97
N ALA A 282 -3.09 -10.07 15.05
CA ALA A 282 -4.47 -10.31 15.45
C ALA A 282 -5.22 -8.98 15.48
N LEU A 283 -6.40 -8.96 14.86
CA LEU A 283 -7.17 -7.72 14.74
C LEU A 283 -7.86 -7.39 16.05
N VAL A 284 -7.74 -6.12 16.46
CA VAL A 284 -8.33 -5.63 17.71
C VAL A 284 -8.97 -4.27 17.43
N PRO A 285 -9.79 -3.73 18.32
CA PRO A 285 -10.38 -2.40 18.08
C PRO A 285 -9.35 -1.28 17.91
N THR A 286 -8.10 -1.49 18.34
CA THR A 286 -7.05 -0.49 18.19
C THR A 286 -6.15 -0.76 17.00
N GLY A 287 -6.55 -1.67 16.10
CA GLY A 287 -5.73 -2.01 14.97
C GLY A 287 -5.38 -3.48 14.93
N ASN A 288 -4.12 -3.80 15.26
CA ASN A 288 -3.67 -5.19 15.25
C ASN A 288 -2.57 -5.39 16.28
N LEU A 289 -2.58 -6.55 16.93
CA LEU A 289 -1.54 -6.93 17.87
C LEU A 289 -0.48 -7.75 17.15
N GLN A 290 0.76 -7.28 17.16
CA GLN A 290 1.86 -8.03 16.57
C GLN A 290 2.35 -9.02 17.63
N LEU A 291 1.75 -10.21 17.62
CA LEU A 291 1.94 -11.16 18.71
C LEU A 291 3.32 -11.79 18.72
N ARG A 292 4.08 -11.69 17.63
CA ARG A 292 5.44 -12.21 17.65
C ARG A 292 6.36 -11.38 18.54
N LYS A 293 5.98 -10.15 18.85
CA LYS A 293 6.83 -9.29 19.67
C LYS A 293 6.78 -9.73 21.14
N LYS A 294 7.91 -9.60 21.81
CA LYS A 294 8.10 -10.19 23.13
C LYS A 294 7.38 -9.43 24.25
N VAL A 295 6.63 -8.38 23.94
CA VAL A 295 5.83 -7.75 24.98
C VAL A 295 4.69 -8.64 25.42
N PHE A 296 4.32 -9.62 24.59
CA PHE A 296 3.25 -10.56 24.88
C PHE A 296 3.77 -11.89 25.41
N GLU A 297 5.07 -11.99 25.69
CA GLU A 297 5.65 -13.26 26.10
C GLU A 297 5.05 -13.76 27.42
N LYS A 298 4.84 -12.85 28.37
CA LYS A 298 4.19 -13.18 29.64
C LYS A 298 2.87 -12.45 29.79
N ASP A 299 2.20 -12.16 28.68
CA ASP A 299 0.87 -11.57 28.67
C ASP A 299 -0.14 -12.70 28.53
N PHE A 300 -0.82 -13.04 29.63
CA PHE A 300 -1.70 -14.19 29.66
C PHE A 300 -3.17 -13.82 29.53
N GLY A 301 -3.47 -12.59 29.17
CA GLY A 301 -4.83 -12.24 28.81
C GLY A 301 -5.12 -12.68 27.39
N PRO A 302 -6.39 -12.76 27.02
CA PRO A 302 -6.72 -13.12 25.62
C PRO A 302 -6.33 -11.99 24.68
N ILE A 303 -6.48 -12.27 23.39
CA ILE A 303 -6.28 -11.23 22.39
C ILE A 303 -7.18 -10.03 22.67
N ASP A 304 -8.45 -10.30 22.91
CA ASP A 304 -9.44 -9.26 23.19
C ASP A 304 -10.43 -9.79 24.21
N PRO A 305 -10.47 -9.23 25.41
CA PRO A 305 -11.41 -9.73 26.43
C PRO A 305 -12.88 -9.59 26.05
N GLU A 306 -13.18 -8.81 25.01
CA GLU A 306 -14.54 -8.65 24.53
C GLU A 306 -14.88 -9.61 23.38
N CYS A 307 -13.89 -10.29 22.82
CA CYS A 307 -14.11 -11.16 21.68
C CYS A 307 -14.70 -12.50 22.12
N THR A 308 -15.68 -12.98 21.36
CA THR A 308 -16.38 -14.22 21.66
C THR A 308 -15.83 -15.42 20.90
N CYS A 309 -14.79 -15.25 20.08
CA CYS A 309 -14.31 -16.32 19.24
C CYS A 309 -13.65 -17.42 20.07
N PRO A 310 -13.59 -18.64 19.55
CA PRO A 310 -13.00 -19.75 20.33
C PRO A 310 -11.55 -19.54 20.70
N THR A 311 -10.77 -18.83 19.87
CA THR A 311 -9.38 -18.57 20.22
C THR A 311 -9.26 -17.74 21.49
N CYS A 312 -10.14 -16.76 21.66
CA CYS A 312 -10.15 -15.95 22.87
C CYS A 312 -10.83 -16.63 24.05
N GLN A 313 -11.52 -17.75 23.82
CA GLN A 313 -12.09 -18.50 24.93
C GLN A 313 -11.09 -19.48 25.53
N LYS A 314 -10.14 -19.96 24.73
CA LYS A 314 -9.28 -21.06 25.12
C LYS A 314 -7.80 -20.71 25.21
N HIS A 315 -7.34 -19.68 24.51
CA HIS A 315 -5.91 -19.43 24.41
C HIS A 315 -5.60 -17.97 24.75
N SER A 316 -4.42 -17.78 25.33
CA SER A 316 -3.94 -16.47 25.74
C SER A 316 -2.96 -15.91 24.72
N ARG A 317 -2.59 -14.63 24.91
CA ARG A 317 -1.59 -14.01 24.03
C ARG A 317 -0.25 -14.71 24.16
N ALA A 318 0.11 -15.13 25.38
CA ALA A 318 1.41 -15.78 25.60
C ALA A 318 1.47 -17.12 24.87
N PHE A 319 0.41 -17.91 24.95
CA PHE A 319 0.39 -19.19 24.25
C PHE A 319 0.55 -19.00 22.74
N LEU A 320 -0.10 -17.98 22.19
CA LEU A 320 0.02 -17.72 20.76
C LEU A 320 1.40 -17.15 20.42
N HIS A 321 1.95 -16.32 21.31
CA HIS A 321 3.31 -15.80 21.09
C HIS A 321 4.33 -16.92 21.01
N ALA A 322 4.22 -17.91 21.90
CA ALA A 322 5.13 -19.05 21.85
C ALA A 322 4.79 -19.95 20.65
N LEU A 323 3.50 -20.11 20.35
CA LEU A 323 3.11 -20.96 19.23
C LEU A 323 3.56 -20.39 17.89
N LEU A 324 3.61 -19.06 17.76
CA LEU A 324 4.09 -18.45 16.53
C LEU A 324 5.55 -18.77 16.25
N HIS A 325 6.32 -19.13 17.28
CA HIS A 325 7.74 -19.40 17.14
C HIS A 325 8.09 -20.88 17.27
N SER A 326 7.16 -21.72 17.68
CA SER A 326 7.39 -23.16 17.76
C SER A 326 6.58 -23.96 16.75
N ASP A 327 5.37 -23.50 16.40
CA ASP A 327 4.53 -24.14 15.39
C ASP A 327 3.77 -23.01 14.69
N ASN A 328 4.45 -22.38 13.73
CA ASN A 328 3.87 -21.21 13.06
C ASN A 328 2.59 -21.56 12.32
N THR A 329 2.44 -22.81 11.86
CA THR A 329 1.24 -23.20 11.15
C THR A 329 0.02 -23.21 12.07
N ALA A 330 0.15 -23.86 13.24
CA ALA A 330 -0.99 -23.95 14.15
C ALA A 330 -1.39 -22.58 14.69
N ALA A 331 -0.42 -21.68 14.88
CA ALA A 331 -0.74 -20.34 15.35
C ALA A 331 -1.48 -19.54 14.28
N LEU A 332 -1.14 -19.77 13.00
CA LEU A 332 -1.84 -19.10 11.92
C LEU A 332 -3.32 -19.46 11.91
N HIS A 333 -3.64 -20.72 12.23
CA HIS A 333 -5.04 -21.14 12.26
C HIS A 333 -5.81 -20.45 13.38
N HIS A 334 -5.20 -20.31 14.56
CA HIS A 334 -5.89 -19.69 15.67
C HIS A 334 -6.13 -18.21 15.41
N LEU A 335 -5.16 -17.51 14.80
CA LEU A 335 -5.34 -16.11 14.47
C LEU A 335 -6.35 -15.92 13.36
N THR A 336 -6.43 -16.86 12.42
CA THR A 336 -7.40 -16.76 11.34
C THR A 336 -8.82 -16.84 11.88
N VAL A 337 -9.06 -17.74 12.85
CA VAL A 337 -10.39 -17.82 13.47
C VAL A 337 -10.76 -16.51 14.15
N HIS A 338 -9.81 -15.90 14.86
CA HIS A 338 -10.09 -14.66 15.56
C HIS A 338 -10.31 -13.49 14.59
N ASN A 339 -9.38 -13.31 13.64
CA ASN A 339 -9.48 -12.18 12.72
C ASN A 339 -10.78 -12.23 11.92
N ILE A 340 -11.27 -13.42 11.60
CA ILE A 340 -12.54 -13.53 10.90
C ILE A 340 -13.70 -13.22 11.84
N ALA A 341 -13.59 -13.63 13.12
CA ALA A 341 -14.65 -13.32 14.07
C ALA A 341 -14.69 -11.83 14.38
N TYR A 342 -13.52 -11.18 14.42
CA TYR A 342 -13.48 -9.73 14.61
C TYR A 342 -14.24 -9.02 13.50
N GLN A 343 -14.04 -9.45 12.26
CA GLN A 343 -14.78 -8.86 11.14
C GLN A 343 -16.29 -9.07 11.32
N LEU A 344 -16.69 -10.28 11.71
CA LEU A 344 -18.11 -10.55 11.94
C LEU A 344 -18.64 -9.71 13.09
N GLN A 345 -17.88 -9.61 14.18
CA GLN A 345 -18.35 -8.82 15.32
C GLN A 345 -18.33 -7.32 15.03
N LEU A 346 -17.38 -6.87 14.21
CA LEU A 346 -17.36 -5.47 13.81
C LEU A 346 -18.60 -5.11 13.00
N MET A 347 -18.93 -5.93 11.99
CA MET A 347 -20.11 -5.68 11.19
C MET A 347 -21.38 -5.78 12.03
N SER A 348 -21.41 -6.72 12.97
CA SER A 348 -22.58 -6.84 13.84
C SER A 348 -22.72 -5.63 14.75
N ALA A 349 -21.61 -5.09 15.24
CA ALA A 349 -21.67 -3.91 16.09
C ALA A 349 -22.05 -2.67 15.29
N VAL A 350 -21.59 -2.58 14.04
CA VAL A 350 -21.99 -1.48 13.17
C VAL A 350 -23.49 -1.52 12.94
N ARG A 351 -24.02 -2.70 12.64
CA ARG A 351 -25.45 -2.83 12.38
C ARG A 351 -26.28 -2.45 13.60
N THR A 352 -25.84 -2.86 14.78
CA THR A 352 -26.58 -2.54 16.00
C THR A 352 -26.64 -1.03 16.22
N SER A 353 -25.54 -0.32 15.95
CA SER A 353 -25.53 1.13 16.14
C SER A 353 -26.46 1.83 15.16
N ILE A 354 -26.60 1.30 13.94
CA ILE A 354 -27.53 1.88 12.98
C ILE A 354 -28.97 1.64 13.43
N VAL A 355 -29.27 0.44 13.93
CA VAL A 355 -30.62 0.14 14.39
C VAL A 355 -30.98 1.00 15.59
N GLU A 356 -30.00 1.29 16.44
CA GLU A 356 -30.23 2.08 17.65
C GLU A 356 -29.97 3.56 17.44
N LYS A 357 -29.88 4.02 16.18
CA LYS A 357 -29.79 5.44 15.85
C LYS A 357 -28.60 6.10 16.52
N ARG A 358 -27.52 5.33 16.58
CA ARG A 358 -26.23 5.98 17.09
CA ARG A 358 -26.19 5.79 17.10
C ARG A 358 -24.91 5.70 16.20
N PHE A 359 -25.22 5.55 14.91
CA PHE A 359 -24.10 5.29 14.00
C PHE A 359 -23.08 6.42 13.99
N PRO A 360 -23.45 7.70 13.89
CA PRO A 360 -22.41 8.74 13.93
C PRO A 360 -21.57 8.69 15.20
N ASP A 361 -22.19 8.44 16.36
CA ASP A 361 -21.42 8.28 17.59
C ASP A 361 -20.59 7.01 17.56
N PHE A 362 -21.07 5.98 16.87
CA PHE A 362 -20.29 4.72 16.79
C PHE A 362 -18.99 4.97 16.03
N VAL A 363 -19.07 5.74 14.95
CA VAL A 363 -17.89 6.04 14.10
C VAL A 363 -16.85 6.81 14.93
N ARG A 364 -17.29 7.78 15.74
CA ARG A 364 -16.34 8.54 16.59
C ARG A 364 -15.67 7.59 17.58
N ASP A 365 -16.44 6.70 18.21
CA ASP A 365 -15.83 5.73 19.11
C ASP A 365 -14.85 4.85 18.37
N PHE A 366 -15.20 4.42 17.15
CA PHE A 366 -14.33 3.55 16.38
C PHE A 366 -13.02 4.25 16.01
N MET A 367 -13.11 5.50 15.55
CA MET A 367 -11.91 6.23 15.15
C MET A 367 -11.03 6.54 16.35
N GLY A 368 -11.64 6.90 17.48
CA GLY A 368 -10.86 7.18 18.67
C GLY A 368 -10.10 5.97 19.17
N ALA A 369 -10.74 4.79 19.14
CA ALA A 369 -10.05 3.57 19.54
C ALA A 369 -9.01 3.16 18.52
N MET A 370 -9.25 3.43 17.23
CA MET A 370 -8.36 2.97 16.18
C MET A 370 -7.14 3.88 16.03
N TYR A 371 -7.31 5.19 16.21
CA TYR A 371 -6.25 6.15 15.95
C TYR A 371 -5.90 7.02 17.16
N GLY A 372 -6.46 6.73 18.33
CA GLY A 372 -6.12 7.49 19.53
C GLY A 372 -7.17 8.53 19.87
N ASP A 373 -7.44 9.45 18.94
CA ASP A 373 -8.46 10.46 19.06
C ASP A 373 -9.07 10.59 17.67
N PRO A 374 -10.40 10.74 17.58
CA PRO A 374 -11.05 10.75 16.26
C PRO A 374 -10.48 11.77 15.29
N THR A 375 -9.88 12.85 15.79
CA THR A 375 -9.28 13.84 14.90
C THR A 375 -7.98 13.37 14.26
N LEU A 376 -7.38 12.29 14.76
CA LEU A 376 -6.21 11.69 14.15
C LEU A 376 -6.56 10.70 13.05
N CYS A 377 -7.84 10.61 12.68
CA CYS A 377 -8.26 9.76 11.59
C CYS A 377 -7.60 10.22 10.30
N PRO A 378 -7.26 9.29 9.40
CA PRO A 378 -6.66 9.68 8.11
C PRO A 378 -7.53 10.69 7.36
N THR A 379 -6.86 11.59 6.65
CA THR A 379 -7.56 12.69 5.98
C THR A 379 -8.59 12.18 4.99
N TRP A 380 -8.26 11.12 4.24
CA TRP A 380 -9.19 10.60 3.24
C TRP A 380 -10.49 10.14 3.88
N ALA A 381 -10.41 9.50 5.04
CA ALA A 381 -11.61 9.02 5.70
C ALA A 381 -12.40 10.17 6.33
N THR A 382 -11.70 11.22 6.78
CA THR A 382 -12.39 12.41 7.26
C THR A 382 -13.19 13.07 6.14
N ASP A 383 -12.60 13.18 4.95
CA ASP A 383 -13.31 13.74 3.81
C ASP A 383 -14.52 12.90 3.44
N ALA A 384 -14.35 11.58 3.42
CA ALA A 384 -15.45 10.69 3.03
C ALA A 384 -16.59 10.75 4.04
N LEU A 385 -16.27 10.76 5.34
CA LEU A 385 -17.31 10.82 6.36
C LEU A 385 -18.04 12.16 6.34
N ALA A 386 -17.30 13.26 6.16
CA ALA A 386 -17.94 14.57 6.15
C ALA A 386 -18.81 14.76 4.91
N SER A 387 -18.50 14.07 3.81
CA SER A 387 -19.29 14.19 2.60
C SER A 387 -20.69 13.61 2.79
N VAL A 388 -20.90 12.76 3.79
CA VAL A 388 -22.21 12.21 4.10
C VAL A 388 -22.71 12.67 5.47
N GLY A 389 -22.06 13.66 6.07
CA GLY A 389 -22.58 14.29 7.27
C GLY A 389 -22.12 13.71 8.59
N ILE A 390 -20.90 13.18 8.66
CA ILE A 390 -20.34 12.67 9.90
C ILE A 390 -19.02 13.37 10.16
N THR A 391 -19.00 14.22 11.19
CA THR A 391 -17.78 14.91 11.60
C THR A 391 -17.18 14.21 12.82
N LEU A 392 -15.87 14.32 12.95
CA LEU A 392 -15.12 13.62 13.98
C LEU A 392 -14.71 14.58 15.08
N GLY A 393 -14.97 14.20 16.33
CA GLY A 393 -14.61 15.01 17.48
C GLY A 393 -13.67 14.31 18.43
N ALA B 3 37.11 12.54 -15.11
CA ALA B 3 36.59 13.22 -13.93
C ALA B 3 36.88 12.41 -12.67
N PRO B 4 37.22 13.11 -11.59
CA PRO B 4 37.52 12.41 -10.33
C PRO B 4 36.29 11.68 -9.79
N ARG B 5 36.53 10.49 -9.24
CA ARG B 5 35.45 9.72 -8.63
C ARG B 5 35.25 10.19 -7.19
N ILE B 6 34.00 10.51 -6.84
CA ILE B 6 33.71 11.01 -5.50
C ILE B 6 33.53 9.90 -4.48
N MET B 7 33.43 8.65 -4.91
CA MET B 7 33.18 7.53 -4.02
C MET B 7 34.39 6.60 -4.00
N ARG B 8 34.84 6.26 -2.80
CA ARG B 8 35.84 5.22 -2.61
C ARG B 8 35.17 3.98 -2.06
N LEU B 9 35.49 2.82 -2.64
CA LEU B 9 35.00 1.55 -2.13
C LEU B 9 35.93 1.03 -1.04
N VAL B 10 35.35 0.71 0.12
CA VAL B 10 36.13 0.24 1.26
C VAL B 10 36.03 -1.27 1.35
N ALA B 11 34.87 -1.82 0.98
CA ALA B 11 34.67 -3.25 1.02
C ALA B 11 33.49 -3.62 0.13
N GLU B 12 33.60 -4.75 -0.56
CA GLU B 12 32.52 -5.32 -1.35
C GLU B 12 32.22 -6.73 -0.85
N CYS B 13 30.93 -7.05 -0.74
CA CYS B 13 30.53 -8.38 -0.33
C CYS B 13 30.94 -9.39 -1.39
N SER B 14 31.54 -10.50 -0.96
CA SER B 14 31.99 -11.52 -1.91
C SER B 14 30.83 -12.27 -2.56
N ARG B 15 29.64 -12.21 -1.97
CA ARG B 15 28.46 -12.85 -2.54
C ARG B 15 27.51 -11.82 -3.12
N SER B 16 26.87 -11.01 -2.29
CA SER B 16 25.90 -10.03 -2.78
C SER B 16 26.62 -8.87 -3.45
N ARG B 17 25.84 -7.86 -3.87
CA ARG B 17 26.37 -6.63 -4.43
C ARG B 17 26.59 -5.55 -3.38
N ALA B 18 26.55 -5.92 -2.10
CA ALA B 18 26.65 -4.93 -1.03
C ALA B 18 28.02 -4.27 -1.02
N ARG B 19 28.02 -2.96 -0.80
CA ARG B 19 29.23 -2.15 -0.81
C ARG B 19 29.32 -1.29 0.43
N ALA B 20 30.50 -1.23 1.02
CA ALA B 20 30.83 -0.26 2.05
C ALA B 20 31.77 0.77 1.45
N GLY B 21 31.36 2.03 1.45
CA GLY B 21 32.14 3.06 0.78
C GLY B 21 32.13 4.40 1.47
N GLU B 22 32.71 5.40 0.79
CA GLU B 22 32.83 6.76 1.31
C GLU B 22 32.50 7.75 0.21
N LEU B 23 31.64 8.71 0.51
CA LEU B 23 31.40 9.85 -0.35
C LEU B 23 32.29 11.00 0.10
N TRP B 24 33.22 11.41 -0.75
CA TRP B 24 34.14 12.49 -0.44
C TRP B 24 33.56 13.79 -1.02
N LEU B 25 32.84 14.52 -0.17
CA LEU B 25 32.09 15.71 -0.53
C LEU B 25 32.69 16.96 0.10
N PRO B 26 32.37 18.15 -0.43
CA PRO B 26 33.02 19.37 0.08
C PRO B 26 32.77 19.64 1.57
N HIS B 27 31.66 19.15 2.13
CA HIS B 27 31.34 19.41 3.53
C HIS B 27 31.53 18.18 4.42
N GLY B 28 32.36 17.24 3.99
CA GLY B 28 32.68 16.09 4.81
C GLY B 28 32.52 14.74 4.12
N THR B 29 33.28 13.76 4.60
CA THR B 29 33.19 12.40 4.08
C THR B 29 31.98 11.68 4.68
N VAL B 30 31.22 11.01 3.83
CA VAL B 30 29.99 10.33 4.23
C VAL B 30 30.18 8.83 4.04
N ALA B 31 29.90 8.06 5.09
CA ALA B 31 29.96 6.61 5.01
C ALA B 31 28.72 6.06 4.30
N THR B 32 28.94 5.09 3.42
CA THR B 32 27.86 4.47 2.69
C THR B 32 27.83 2.97 2.96
N PRO B 33 26.65 2.32 2.93
CA PRO B 33 25.33 2.87 2.61
C PRO B 33 24.80 3.86 3.64
N VAL B 34 24.05 4.86 3.20
CA VAL B 34 23.63 5.97 4.05
C VAL B 34 22.15 6.27 3.80
N PHE B 35 21.38 6.39 4.87
CA PHE B 35 20.04 6.95 4.79
C PHE B 35 20.13 8.45 5.05
N MET B 36 19.44 9.24 4.24
CA MET B 36 19.56 10.69 4.32
C MET B 36 18.26 11.30 4.82
N PRO B 37 18.19 11.77 6.05
CA PRO B 37 16.98 12.42 6.54
C PRO B 37 16.78 13.77 5.87
N VAL B 38 15.58 14.32 6.03
CA VAL B 38 15.27 15.65 5.52
C VAL B 38 15.63 16.67 6.60
N GLY B 39 16.29 17.74 6.19
CA GLY B 39 16.74 18.76 7.13
C GLY B 39 15.94 20.03 7.04
N THR B 40 15.14 20.16 5.96
CA THR B 40 14.28 21.31 5.81
C THR B 40 13.24 21.32 6.93
N GLN B 41 12.95 22.51 7.44
CA GLN B 41 12.08 22.66 8.59
C GLN B 41 10.62 22.73 8.16
N ALA B 42 9.74 22.17 8.99
CA ALA B 42 8.31 22.17 8.74
C ALA B 42 7.61 21.89 10.06
N THR B 43 6.75 22.81 10.49
CA THR B 43 5.93 22.74 11.71
C THR B 43 6.75 22.75 12.99
N MET B 44 8.08 22.87 12.92
CA MET B 44 8.99 23.04 14.04
C MET B 44 8.99 21.86 15.01
N LYS B 45 8.29 20.77 14.69
CA LYS B 45 8.39 19.55 15.49
C LYS B 45 9.12 18.43 14.77
N GLY B 46 9.39 18.57 13.48
CA GLY B 46 10.40 17.76 12.85
C GLY B 46 11.76 18.07 13.46
N ILE B 47 12.65 17.06 13.42
CA ILE B 47 13.94 17.18 14.09
C ILE B 47 14.68 18.41 13.56
N THR B 48 15.34 19.12 14.49
CA THR B 48 16.16 20.30 14.15
C THR B 48 17.52 19.81 13.64
N THR B 49 18.20 20.65 12.87
CA THR B 49 19.50 20.27 12.31
C THR B 49 20.55 20.10 13.40
N GLU B 50 20.39 20.77 14.54
CA GLU B 50 21.32 20.57 15.65
C GLU B 50 21.20 19.18 16.24
N GLN B 51 19.98 18.62 16.27
CA GLN B 51 19.81 17.25 16.74
C GLN B 51 20.28 16.22 15.72
N LEU B 52 20.03 16.50 14.43
CA LEU B 52 20.57 15.65 13.37
C LEU B 52 22.09 15.54 13.48
N ASP B 53 22.75 16.68 13.75
CA ASP B 53 24.19 16.67 13.97
C ASP B 53 24.54 15.82 15.19
N ALA B 54 23.75 15.94 16.26
CA ALA B 54 24.02 15.15 17.45
C ALA B 54 23.84 13.65 17.19
N LEU B 55 22.87 13.29 16.34
CA LEU B 55 22.69 11.89 15.96
C LEU B 55 23.80 11.36 15.07
N GLY B 56 24.70 12.23 14.61
CA GLY B 56 25.79 11.82 13.75
C GLY B 56 25.51 11.94 12.27
N CYS B 57 24.34 12.46 11.89
CA CYS B 57 24.01 12.61 10.48
C CYS B 57 24.98 13.56 9.80
N ARG B 58 25.62 13.09 8.72
CA ARG B 58 26.60 13.87 7.99
C ARG B 58 26.13 14.28 6.59
N ILE B 59 24.92 13.90 6.20
CA ILE B 59 24.32 14.39 4.96
C ILE B 59 22.80 14.28 5.06
N CYS B 60 22.10 15.35 4.74
CA CYS B 60 20.64 15.39 4.80
C CYS B 60 20.11 16.06 3.53
N LEU B 61 18.80 15.94 3.32
CA LEU B 61 18.17 16.59 2.19
C LEU B 61 17.79 18.02 2.54
N GLY B 62 17.81 18.89 1.52
CA GLY B 62 17.48 20.27 1.71
C GLY B 62 17.00 20.96 0.45
N ASN B 63 15.81 21.54 0.47
CA ASN B 63 15.28 22.27 -0.67
C ASN B 63 14.56 23.52 -0.18
N THR B 64 14.21 24.39 -1.12
CA THR B 64 13.53 25.65 -0.81
C THR B 64 12.18 25.75 -1.49
N TYR B 65 11.55 24.62 -1.81
CA TYR B 65 10.25 24.64 -2.46
C TYR B 65 9.18 25.27 -1.58
N HIS B 66 9.28 25.05 -0.26
CA HIS B 66 8.24 25.53 0.65
C HIS B 66 8.31 27.02 0.91
N LEU B 67 9.42 27.67 0.58
CA LEU B 67 9.56 29.10 0.79
C LEU B 67 8.95 29.87 -0.38
N GLY B 68 8.78 31.17 -0.18
CA GLY B 68 8.36 32.06 -1.25
C GLY B 68 6.87 32.20 -1.39
N LEU B 69 6.48 32.90 -2.47
CA LEU B 69 5.09 33.19 -2.76
C LEU B 69 4.46 32.21 -3.75
N ARG B 70 5.25 31.63 -4.64
CA ARG B 70 4.76 30.73 -5.68
C ARG B 70 5.29 29.32 -5.46
N PRO B 71 4.63 28.31 -5.99
CA PRO B 71 5.19 26.96 -5.93
C PRO B 71 6.43 26.84 -6.79
N GLY B 72 7.30 25.91 -6.42
CA GLY B 72 8.57 25.73 -7.08
C GLY B 72 9.72 26.15 -6.19
N PRO B 73 10.95 25.90 -6.63
CA PRO B 73 12.11 26.32 -5.84
C PRO B 73 12.29 27.83 -5.87
N GLU B 74 12.74 28.37 -4.74
CA GLU B 74 12.94 29.81 -4.60
C GLU B 74 14.40 30.11 -4.27
N LEU B 75 14.86 31.27 -4.72
CA LEU B 75 16.17 31.77 -4.33
C LEU B 75 16.07 32.45 -2.97
N ILE B 76 16.97 32.10 -2.07
CA ILE B 76 16.93 32.67 -0.72
C ILE B 76 17.82 33.89 -0.57
N GLN B 77 18.82 34.05 -1.45
CA GLN B 77 19.66 35.26 -1.49
C GLN B 77 20.38 35.48 -0.16
N LYS B 78 20.87 34.40 0.43
CA LYS B 78 21.71 34.47 1.62
C LYS B 78 23.17 34.26 1.21
N ALA B 79 24.07 34.97 1.89
CA ALA B 79 25.47 34.94 1.49
C ALA B 79 26.06 33.55 1.65
N ASN B 80 25.64 32.81 2.68
CA ASN B 80 26.17 31.48 2.96
C ASN B 80 25.33 30.37 2.33
N GLY B 81 24.41 30.71 1.43
CA GLY B 81 23.65 29.68 0.73
C GLY B 81 22.73 28.89 1.64
N LEU B 82 22.40 27.69 1.18
CA LEU B 82 21.49 26.83 1.94
C LEU B 82 22.16 26.29 3.20
N HIS B 83 23.49 26.15 3.20
CA HIS B 83 24.18 25.69 4.39
C HIS B 83 24.02 26.70 5.53
N GLY B 84 24.18 27.98 5.24
CA GLY B 84 23.97 28.99 6.27
C GLY B 84 22.52 29.16 6.65
N PHE B 85 21.63 29.05 5.65
CA PHE B 85 20.20 29.14 5.93
C PHE B 85 19.75 28.04 6.89
N MET B 86 20.29 26.84 6.72
CA MET B 86 19.96 25.70 7.57
C MET B 86 20.88 25.58 8.77
N ASN B 87 21.90 26.43 8.87
CA ASN B 87 22.90 26.34 9.95
C ASN B 87 23.55 24.95 9.96
N TRP B 88 23.76 24.39 8.77
CA TRP B 88 24.18 23.01 8.62
C TRP B 88 25.64 22.95 8.21
N PRO B 89 26.52 22.37 9.04
CA PRO B 89 27.94 22.31 8.67
C PRO B 89 28.30 21.13 7.78
N HIS B 90 27.41 20.18 7.57
CA HIS B 90 27.71 18.97 6.82
C HIS B 90 27.13 19.07 5.42
N ASN B 91 26.88 17.93 4.78
CA ASN B 91 26.54 17.88 3.38
C ASN B 91 25.03 17.98 3.16
N LEU B 92 24.66 18.51 1.99
CA LEU B 92 23.27 18.70 1.60
C LEU B 92 23.02 18.10 0.23
N LEU B 93 21.91 17.39 0.10
CA LEU B 93 21.45 16.90 -1.19
C LEU B 93 20.16 17.65 -1.52
N THR B 94 20.20 18.41 -2.62
CA THR B 94 19.08 19.24 -3.04
C THR B 94 18.55 18.75 -4.37
N ASP B 95 17.26 18.43 -4.42
CA ASP B 95 16.66 18.04 -5.68
C ASP B 95 16.25 19.28 -6.47
N SER B 96 15.78 19.05 -7.71
CA SER B 96 15.45 20.14 -8.61
C SER B 96 14.23 20.93 -8.14
N GLY B 97 13.36 20.32 -7.34
CA GLY B 97 12.07 20.90 -7.05
C GLY B 97 11.02 20.61 -8.09
N GLY B 98 11.36 19.85 -9.13
CA GLY B 98 10.37 19.50 -10.14
C GLY B 98 9.47 18.36 -9.75
N PHE B 99 9.93 17.46 -8.87
CA PHE B 99 9.06 16.36 -8.42
C PHE B 99 7.98 16.87 -7.48
N GLN B 100 8.39 17.69 -6.51
CA GLN B 100 7.40 18.25 -5.57
C GLN B 100 6.46 19.09 -6.44
N MET B 101 7.00 19.83 -7.42
CA MET B 101 6.15 20.80 -8.15
C MET B 101 4.97 20.16 -8.89
N VAL B 102 5.17 19.11 -9.68
CA VAL B 102 3.99 18.53 -10.40
C VAL B 102 3.05 17.78 -9.45
N SER B 103 3.61 17.02 -8.51
CA SER B 103 2.85 16.16 -7.57
C SER B 103 1.92 16.94 -6.63
N LEU B 104 2.42 18.03 -6.04
CA LEU B 104 1.68 18.83 -5.03
C LEU B 104 0.62 19.67 -5.75
N VAL B 105 0.97 20.20 -6.93
CA VAL B 105 0.03 21.02 -7.73
C VAL B 105 -0.61 20.15 -8.81
N SER B 106 -1.94 20.01 -8.74
CA SER B 106 -2.75 19.20 -9.68
C SER B 106 -2.73 19.77 -11.10
N LEU B 107 -2.83 21.09 -11.23
CA LEU B 107 -2.92 21.72 -12.55
C LEU B 107 -1.55 22.27 -12.96
N SER B 108 -0.66 21.34 -13.29
CA SER B 108 0.66 21.67 -13.83
C SER B 108 0.91 20.83 -15.06
N GLU B 109 1.55 21.42 -16.05
CA GLU B 109 1.86 20.74 -17.31
C GLU B 109 3.36 20.74 -17.55
N VAL B 110 3.81 19.74 -18.31
CA VAL B 110 5.22 19.56 -18.64
C VAL B 110 5.40 19.84 -20.12
N THR B 111 6.25 20.81 -20.44
CA THR B 111 6.64 21.11 -21.81
C THR B 111 8.12 20.78 -21.99
N GLU B 112 8.57 20.89 -23.24
CA GLU B 112 9.99 20.65 -23.51
C GLU B 112 10.88 21.67 -22.81
N GLU B 113 10.40 22.92 -22.69
CA GLU B 113 11.18 23.94 -22.01
C GLU B 113 11.33 23.63 -20.52
N GLY B 114 10.28 23.08 -19.89
CA GLY B 114 10.38 22.76 -18.48
C GLY B 114 9.02 22.55 -17.85
N VAL B 115 8.95 22.79 -16.55
CA VAL B 115 7.73 22.65 -15.77
C VAL B 115 7.08 24.02 -15.63
N ARG B 116 5.76 24.07 -15.82
CA ARG B 116 5.03 25.33 -15.81
C ARG B 116 3.83 25.22 -14.88
N PHE B 117 3.52 26.35 -14.23
CA PHE B 117 2.37 26.45 -13.34
C PHE B 117 1.68 27.78 -13.57
N ARG B 118 0.38 27.73 -13.86
CA ARG B 118 -0.43 28.93 -14.04
C ARG B 118 -1.29 29.12 -12.79
N SER B 119 -1.16 30.28 -12.16
CA SER B 119 -1.79 30.49 -10.85
C SER B 119 -3.31 30.60 -11.00
N PRO B 120 -4.09 29.88 -10.20
CA PRO B 120 -5.55 30.01 -10.28
C PRO B 120 -6.08 31.33 -9.77
N TYR B 121 -5.29 32.08 -8.99
CA TYR B 121 -5.68 33.39 -8.49
C TYR B 121 -5.10 34.50 -9.35
N ASP B 122 -3.78 34.60 -9.43
CA ASP B 122 -3.13 35.69 -10.13
C ASP B 122 -3.05 35.45 -11.64
N GLY B 123 -2.96 34.19 -12.06
CA GLY B 123 -2.64 33.90 -13.45
C GLY B 123 -1.17 33.94 -13.72
N ASN B 124 -0.34 33.70 -12.71
CA ASN B 124 1.10 33.82 -12.83
C ASN B 124 1.69 32.53 -13.36
N GLU B 125 2.56 32.63 -14.36
CA GLU B 125 3.18 31.48 -15.00
C GLU B 125 4.57 31.29 -14.40
N THR B 126 4.71 30.29 -13.53
CA THR B 126 6.00 29.93 -12.97
C THR B 126 6.61 28.82 -13.81
N LEU B 127 7.78 29.10 -14.39
CA LEU B 127 8.44 28.18 -15.31
C LEU B 127 9.70 27.62 -14.65
N LEU B 128 9.78 26.30 -14.55
CA LEU B 128 10.95 25.62 -14.03
C LEU B 128 11.59 24.82 -15.16
N SER B 129 12.63 25.39 -15.75
CA SER B 129 13.41 24.77 -16.82
C SER B 129 14.64 24.09 -16.25
N PRO B 130 15.28 23.22 -17.04
CA PRO B 130 16.54 22.64 -16.55
C PRO B 130 17.60 23.67 -16.22
N GLU B 131 17.71 24.74 -17.00
CA GLU B 131 18.72 25.76 -16.73
C GLU B 131 18.37 26.56 -15.48
N LYS B 132 17.09 26.90 -15.30
CA LYS B 132 16.70 27.62 -14.09
C LYS B 132 16.83 26.73 -12.86
N SER B 133 16.60 25.42 -13.00
CA SER B 133 16.75 24.51 -11.88
C SER B 133 18.19 24.47 -11.39
N VAL B 134 19.15 24.44 -12.31
CA VAL B 134 20.55 24.36 -11.92
C VAL B 134 21.04 25.70 -11.39
N GLN B 135 20.53 26.81 -11.93
CA GLN B 135 20.94 28.12 -11.44
C GLN B 135 20.52 28.33 -10.00
N ILE B 136 19.33 27.86 -9.63
CA ILE B 136 18.92 27.92 -8.23
C ILE B 136 19.83 27.05 -7.37
N GLN B 137 20.18 25.86 -7.88
CA GLN B 137 21.02 24.94 -7.12
C GLN B 137 22.44 25.46 -7.00
N ASN B 138 22.94 26.15 -8.03
CA ASN B 138 24.30 26.69 -7.97
C ASN B 138 24.41 27.76 -6.90
N ALA B 139 23.38 28.59 -6.74
CA ALA B 139 23.41 29.64 -5.72
C ALA B 139 23.23 29.06 -4.33
N LEU B 140 22.46 27.98 -4.19
CA LEU B 140 22.24 27.37 -2.88
C LEU B 140 23.51 26.70 -2.35
N GLY B 141 24.38 26.25 -3.24
CA GLY B 141 25.65 25.67 -2.82
C GLY B 141 25.55 24.28 -2.22
N SER B 142 24.54 23.51 -2.58
CA SER B 142 24.40 22.16 -2.05
C SER B 142 25.49 21.25 -2.61
N ASP B 143 25.89 20.27 -1.81
CA ASP B 143 26.99 19.40 -2.19
C ASP B 143 26.60 18.45 -3.31
N ILE B 144 25.38 17.91 -3.26
CA ILE B 144 24.84 17.06 -4.32
C ILE B 144 23.55 17.69 -4.81
N ILE B 145 23.44 17.85 -6.12
CA ILE B 145 22.26 18.44 -6.76
C ILE B 145 21.69 17.43 -7.74
N MET B 146 20.37 17.34 -7.79
CA MET B 146 19.69 16.33 -8.58
C MET B 146 19.21 16.93 -9.91
N GLN B 147 19.35 16.15 -10.97
CA GLN B 147 18.88 16.55 -12.29
C GLN B 147 17.36 16.79 -12.27
N LEU B 148 16.93 17.78 -13.04
CA LEU B 148 15.51 17.97 -13.30
C LEU B 148 15.05 16.93 -14.31
N ASP B 149 14.03 16.16 -13.93
CA ASP B 149 13.54 15.08 -14.76
C ASP B 149 12.04 15.22 -14.99
N ASP B 150 11.56 14.62 -16.08
CA ASP B 150 10.13 14.56 -16.40
C ASP B 150 9.58 13.30 -15.73
N VAL B 151 8.95 13.48 -14.57
CA VAL B 151 8.49 12.37 -13.74
C VAL B 151 7.03 12.10 -14.05
N VAL B 152 6.70 10.84 -14.34
CA VAL B 152 5.34 10.38 -14.49
C VAL B 152 5.12 9.23 -13.52
N SER B 153 3.84 8.92 -13.28
CA SER B 153 3.49 7.85 -12.37
C SER B 153 4.06 6.52 -12.85
N SER B 154 4.64 5.76 -11.92
CA SER B 154 5.19 4.46 -12.27
C SER B 154 4.10 3.52 -12.75
N THR B 155 2.93 3.58 -12.11
CA THR B 155 1.78 2.75 -12.51
C THR B 155 0.91 3.51 -13.50
N VAL B 156 1.52 3.88 -14.62
CA VAL B 156 0.84 4.56 -15.72
C VAL B 156 1.26 3.89 -17.02
N THR B 157 0.29 3.69 -17.91
CA THR B 157 0.50 2.98 -19.16
C THR B 157 0.48 3.95 -20.35
N GLY B 158 1.21 3.59 -21.40
CA GLY B 158 1.19 4.35 -22.63
C GLY B 158 2.54 4.93 -23.00
N PRO B 159 2.57 5.69 -24.10
CA PRO B 159 3.83 6.32 -24.51
C PRO B 159 4.31 7.40 -23.58
N ARG B 160 3.50 7.83 -22.60
CA ARG B 160 3.92 8.87 -21.68
C ARG B 160 5.14 8.46 -20.89
N VAL B 161 5.27 7.17 -20.56
CA VAL B 161 6.44 6.69 -19.83
C VAL B 161 7.68 6.80 -20.69
N GLU B 162 7.59 6.35 -21.95
CA GLU B 162 8.72 6.44 -22.86
C GLU B 162 9.01 7.90 -23.23
N GLU B 163 7.96 8.70 -23.40
CA GLU B 163 8.13 10.11 -23.72
C GLU B 163 8.87 10.85 -22.60
N ALA B 164 8.53 10.55 -21.34
CA ALA B 164 9.19 11.21 -20.22
C ALA B 164 10.63 10.74 -20.06
N MET B 165 10.90 9.49 -20.43
CA MET B 165 12.26 8.95 -20.28
C MET B 165 13.23 9.67 -21.20
N TYR B 166 12.86 9.80 -22.49
CA TYR B 166 13.74 10.49 -23.43
C TYR B 166 13.84 11.97 -23.12
N ARG B 167 12.75 12.59 -22.67
CA ARG B 167 12.81 13.99 -22.29
C ARG B 167 13.70 14.18 -21.07
N SER B 168 13.75 13.19 -20.18
CA SER B 168 14.65 13.27 -19.03
C SER B 168 16.10 13.24 -19.47
N ILE B 169 16.41 12.47 -20.50
CA ILE B 169 17.79 12.43 -21.02
C ILE B 169 18.17 13.79 -21.60
N ARG B 170 17.26 14.42 -22.34
CA ARG B 170 17.55 15.74 -22.89
C ARG B 170 17.72 16.77 -21.78
N TRP B 171 16.93 16.67 -20.72
CA TRP B 171 17.07 17.59 -19.61
C TRP B 171 18.36 17.36 -18.84
N LEU B 172 18.82 16.10 -18.76
CA LEU B 172 20.10 15.82 -18.15
C LEU B 172 21.23 16.51 -18.90
N ASP B 173 21.20 16.42 -20.23
CA ASP B 173 22.25 17.08 -21.04
C ASP B 173 22.16 18.59 -20.82
N ARG B 174 20.94 19.13 -20.78
CA ARG B 174 20.75 20.58 -20.55
C ARG B 174 21.27 20.98 -19.17
N CYS B 175 20.96 20.17 -18.14
CA CYS B 175 21.40 20.44 -16.76
C CYS B 175 22.93 20.41 -16.69
N ILE B 176 23.53 19.46 -17.41
CA ILE B 176 25.01 19.33 -17.42
C ILE B 176 25.62 20.58 -18.05
N ALA B 177 25.04 21.06 -19.15
CA ALA B 177 25.55 22.28 -19.83
C ALA B 177 25.40 23.50 -18.92
N ALA B 178 24.24 23.60 -18.26
CA ALA B 178 23.90 24.72 -17.36
C ALA B 178 24.79 24.72 -16.10
N HIS B 179 25.16 23.55 -15.59
CA HIS B 179 25.91 23.49 -14.32
C HIS B 179 27.20 24.32 -14.42
N GLN B 180 27.36 25.26 -13.49
CA GLN B 180 28.47 26.18 -13.40
C GLN B 180 29.53 25.79 -12.37
N ARG B 181 29.19 24.97 -11.38
CA ARG B 181 30.10 24.65 -10.27
C ARG B 181 30.25 23.14 -10.12
N PRO B 182 30.90 22.47 -11.08
CA PRO B 182 31.18 21.04 -10.91
C PRO B 182 32.30 20.76 -9.92
N ASP B 183 33.08 21.77 -9.53
CA ASP B 183 34.16 21.58 -8.57
C ASP B 183 33.67 21.61 -7.13
N LYS B 184 32.50 22.21 -6.86
CA LYS B 184 31.94 22.27 -5.52
C LYS B 184 30.62 21.54 -5.38
N GLN B 185 29.97 21.18 -6.48
CA GLN B 185 28.68 20.50 -6.45
C GLN B 185 28.71 19.31 -7.40
N ASN B 186 27.95 18.28 -7.05
CA ASN B 186 27.91 17.04 -7.83
C ASN B 186 26.49 16.81 -8.35
N LEU B 187 26.35 16.82 -9.67
CA LEU B 187 25.05 16.63 -10.31
C LEU B 187 24.82 15.14 -10.56
N PHE B 188 23.69 14.64 -10.07
CA PHE B 188 23.32 13.25 -10.24
C PHE B 188 22.27 13.12 -11.34
N ALA B 189 22.41 12.07 -12.15
CA ALA B 189 21.37 11.73 -13.12
C ALA B 189 20.37 10.80 -12.47
N ILE B 190 19.12 10.90 -12.91
CA ILE B 190 18.02 10.09 -12.36
C ILE B 190 17.57 9.14 -13.46
N ILE B 191 17.79 7.83 -13.24
CA ILE B 191 17.37 6.83 -14.21
C ILE B 191 15.85 6.74 -14.22
N GLN B 192 15.27 6.77 -15.41
CA GLN B 192 13.83 6.70 -15.59
C GLN B 192 13.44 5.32 -16.13
N GLY B 193 12.25 5.21 -16.70
CA GLY B 193 11.78 3.99 -17.32
C GLY B 193 10.57 3.37 -16.67
N GLY B 194 10.20 3.79 -15.46
CA GLY B 194 9.05 3.20 -14.80
C GLY B 194 9.27 1.72 -14.52
N LEU B 195 8.24 0.92 -14.79
CA LEU B 195 8.31 -0.52 -14.62
C LEU B 195 8.64 -1.24 -15.92
N ASP B 196 8.93 -0.51 -16.99
CA ASP B 196 9.27 -1.10 -18.27
C ASP B 196 10.75 -1.46 -18.28
N ALA B 197 11.05 -2.75 -18.44
CA ALA B 197 12.44 -3.19 -18.43
C ALA B 197 13.22 -2.67 -19.62
N ASP B 198 12.56 -2.53 -20.78
CA ASP B 198 13.27 -2.07 -21.96
C ASP B 198 13.55 -0.56 -21.89
N LEU B 199 12.58 0.23 -21.45
CA LEU B 199 12.80 1.66 -21.28
C LEU B 199 13.87 1.92 -20.22
N ARG B 200 13.81 1.19 -19.10
CA ARG B 200 14.81 1.33 -18.05
C ARG B 200 16.20 0.99 -18.58
N ALA B 201 16.32 -0.13 -19.30
CA ALA B 201 17.61 -0.51 -19.86
C ALA B 201 18.09 0.50 -20.90
N THR B 202 17.16 1.07 -21.67
CA THR B 202 17.54 2.12 -22.62
C THR B 202 18.06 3.35 -21.89
N CYS B 203 17.36 3.76 -20.83
CA CYS B 203 17.79 4.93 -20.07
C CYS B 203 19.12 4.66 -19.37
N LEU B 204 19.32 3.46 -18.85
CA LEU B 204 20.60 3.10 -18.25
C LEU B 204 21.71 3.14 -19.30
N GLU B 205 21.42 2.69 -20.52
CA GLU B 205 22.42 2.68 -21.57
C GLU B 205 22.79 4.09 -22.01
N GLU B 206 21.80 4.99 -22.05
CA GLU B 206 22.06 6.34 -22.55
C GLU B 206 22.66 7.23 -21.47
N MET B 207 22.09 7.22 -20.26
CA MET B 207 22.54 8.15 -19.24
C MET B 207 23.94 7.84 -18.74
N THR B 208 24.34 6.57 -18.71
CA THR B 208 25.68 6.22 -18.26
C THR B 208 26.75 6.69 -19.24
N LYS B 209 26.38 7.09 -20.46
CA LYS B 209 27.35 7.71 -21.35
C LYS B 209 27.78 9.09 -20.87
N ARG B 210 26.96 9.76 -20.06
CA ARG B 210 27.34 11.03 -19.47
C ARG B 210 28.18 10.79 -18.23
N ASP B 211 29.16 11.67 -18.02
CA ASP B 211 30.11 11.52 -16.90
C ASP B 211 29.67 12.34 -15.70
N VAL B 212 28.42 12.17 -15.27
CA VAL B 212 27.93 12.82 -14.06
C VAL B 212 28.55 12.12 -12.86
N PRO B 213 28.82 12.82 -11.76
CA PRO B 213 29.49 12.17 -10.61
C PRO B 213 28.72 11.00 -10.02
N GLY B 214 27.39 11.00 -10.11
CA GLY B 214 26.61 9.93 -9.51
C GLY B 214 25.35 9.66 -10.30
N PHE B 215 24.70 8.55 -9.95
CA PHE B 215 23.49 8.10 -10.62
C PHE B 215 22.42 7.74 -9.60
N ALA B 216 21.18 8.11 -9.89
CA ALA B 216 20.05 7.83 -9.02
C ALA B 216 19.02 6.99 -9.77
N ILE B 217 18.28 6.18 -9.01
CA ILE B 217 17.24 5.32 -9.55
C ILE B 217 15.90 5.92 -9.16
N GLY B 218 15.13 6.37 -10.15
CA GLY B 218 13.87 7.03 -9.88
C GLY B 218 12.66 6.29 -10.39
N GLY B 219 11.48 6.66 -9.88
CA GLY B 219 10.23 6.09 -10.35
C GLY B 219 9.87 4.75 -9.77
N LEU B 220 10.39 4.39 -8.61
CA LEU B 220 10.10 3.09 -8.01
C LEU B 220 9.36 3.19 -6.68
N SER B 221 8.96 4.39 -6.24
CA SER B 221 8.17 4.55 -5.04
C SER B 221 6.70 4.79 -5.34
N GLY B 222 6.25 4.43 -6.54
CA GLY B 222 4.89 4.74 -6.96
C GLY B 222 3.82 3.91 -6.27
N GLY B 223 4.15 2.69 -5.88
CA GLY B 223 3.17 1.81 -5.28
C GLY B 223 2.95 0.55 -6.08
N GLU B 224 3.93 0.20 -6.91
CA GLU B 224 3.88 -1.00 -7.72
C GLU B 224 4.07 -2.24 -6.85
N SER B 225 4.02 -3.41 -7.49
CA SER B 225 4.27 -4.65 -6.77
C SER B 225 5.72 -4.73 -6.33
N LYS B 226 5.93 -5.37 -5.17
CA LYS B 226 7.29 -5.55 -4.67
C LYS B 226 8.13 -6.42 -5.59
N SER B 227 7.50 -7.27 -6.39
CA SER B 227 8.25 -8.06 -7.37
C SER B 227 8.81 -7.16 -8.47
N GLN B 228 7.97 -6.31 -9.06
CA GLN B 228 8.47 -5.35 -10.04
C GLN B 228 9.46 -4.37 -9.43
N PHE B 229 9.33 -4.11 -8.12
CA PHE B 229 10.20 -3.15 -7.46
C PHE B 229 11.65 -3.64 -7.45
N TRP B 230 11.89 -4.81 -6.86
CA TRP B 230 13.27 -5.27 -6.70
C TRP B 230 13.91 -5.64 -8.03
N ARG B 231 13.10 -6.06 -9.00
CA ARG B 231 13.66 -6.39 -10.32
C ARG B 231 14.16 -5.14 -11.03
N MET B 232 13.46 -4.01 -10.86
CA MET B 232 13.93 -2.77 -11.47
C MET B 232 15.16 -2.22 -10.74
N VAL B 233 15.24 -2.42 -9.42
CA VAL B 233 16.44 -2.04 -8.69
C VAL B 233 17.61 -2.91 -9.12
N ALA B 234 17.40 -4.22 -9.16
CA ALA B 234 18.47 -5.14 -9.55
C ALA B 234 18.89 -4.91 -11.00
N LEU B 235 17.94 -4.61 -11.88
CA LEU B 235 18.29 -4.30 -13.26
C LEU B 235 19.13 -3.03 -13.34
N SER B 236 18.76 -2.00 -12.57
CA SER B 236 19.47 -0.73 -12.64
C SER B 236 20.89 -0.87 -12.10
N THR B 237 21.05 -1.48 -10.92
CA THR B 237 22.36 -1.60 -10.32
C THR B 237 23.28 -2.53 -11.11
N SER B 238 22.70 -3.50 -11.85
CA SER B 238 23.50 -4.39 -12.67
C SER B 238 24.12 -3.68 -13.86
N ARG B 239 23.68 -2.45 -14.18
CA ARG B 239 24.17 -1.72 -15.33
C ARG B 239 24.66 -0.32 -15.00
N LEU B 240 24.59 0.12 -13.73
CA LEU B 240 25.20 1.35 -13.27
C LEU B 240 26.65 1.09 -12.86
N PRO B 241 27.54 2.07 -13.06
CA PRO B 241 28.96 1.84 -12.78
C PRO B 241 29.22 1.55 -11.31
N LYS B 242 30.11 0.59 -11.06
CA LYS B 242 30.46 0.23 -9.69
C LYS B 242 31.24 1.33 -8.98
N ASP B 243 32.02 2.11 -9.72
CA ASP B 243 32.88 3.13 -9.14
C ASP B 243 32.15 4.45 -8.90
N LYS B 244 30.83 4.48 -9.06
CA LYS B 244 30.03 5.65 -8.80
C LYS B 244 28.88 5.30 -7.87
N PRO B 245 28.38 6.26 -7.10
CA PRO B 245 27.31 5.95 -6.14
C PRO B 245 26.02 5.57 -6.84
N ARG B 246 25.23 4.75 -6.14
CA ARG B 246 23.88 4.40 -6.57
C ARG B 246 22.90 4.92 -5.53
N TYR B 247 22.04 5.85 -5.94
CA TYR B 247 21.11 6.53 -5.05
C TYR B 247 19.70 6.06 -5.40
N LEU B 248 19.05 5.36 -4.47
CA LEU B 248 17.68 4.91 -4.63
C LEU B 248 16.76 5.86 -3.88
N MET B 249 15.92 6.58 -4.60
CA MET B 249 15.09 7.63 -4.02
C MET B 249 13.75 7.05 -3.56
N GLY B 250 13.28 7.54 -2.42
CA GLY B 250 11.94 7.18 -1.90
C GLY B 250 11.82 5.86 -1.14
N VAL B 251 12.92 5.27 -0.68
CA VAL B 251 12.79 3.99 0.07
C VAL B 251 13.33 4.17 1.49
N GLY B 252 12.53 3.89 2.51
CA GLY B 252 12.98 4.02 3.91
C GLY B 252 12.62 2.84 4.78
N TYR B 253 11.81 1.92 4.29
CA TYR B 253 11.40 0.73 5.09
C TYR B 253 12.65 -0.08 5.42
N ALA B 254 12.74 -0.59 6.65
CA ALA B 254 13.96 -1.29 7.06
C ALA B 254 14.26 -2.47 6.16
N THR B 255 13.25 -3.24 5.79
CA THR B 255 13.48 -4.39 4.91
C THR B 255 13.92 -3.94 3.51
N ASP B 256 13.32 -2.87 3.00
CA ASP B 256 13.70 -2.38 1.68
C ASP B 256 15.14 -1.90 1.67
N LEU B 257 15.59 -1.29 2.78
CA LEU B 257 16.97 -0.82 2.87
C LEU B 257 17.95 -1.99 2.78
N VAL B 258 17.74 -3.02 3.61
CA VAL B 258 18.68 -4.14 3.65
C VAL B 258 18.70 -4.87 2.31
N VAL B 259 17.53 -5.06 1.70
CA VAL B 259 17.45 -5.75 0.42
C VAL B 259 18.16 -4.96 -0.67
N CYS B 260 17.91 -3.64 -0.73
CA CYS B 260 18.49 -2.83 -1.79
C CYS B 260 19.98 -2.59 -1.55
N VAL B 261 20.43 -2.64 -0.30
CA VAL B 261 21.87 -2.63 -0.07
C VAL B 261 22.51 -3.90 -0.63
N ALA B 262 21.84 -5.04 -0.44
CA ALA B 262 22.31 -6.29 -1.02
C ALA B 262 22.25 -6.27 -2.54
N LEU B 263 21.42 -5.41 -3.12
CA LEU B 263 21.31 -5.27 -4.57
C LEU B 263 22.29 -4.25 -5.14
N GLY B 264 23.02 -3.54 -4.29
CA GLY B 264 24.06 -2.63 -4.74
C GLY B 264 23.77 -1.14 -4.61
N CYS B 265 22.79 -0.74 -3.81
CA CYS B 265 22.48 0.68 -3.63
C CYS B 265 23.29 1.26 -2.49
N ASP B 266 23.60 2.55 -2.61
CA ASP B 266 24.47 3.24 -1.65
C ASP B 266 23.77 4.33 -0.86
N MET B 267 22.75 4.96 -1.42
CA MET B 267 22.13 6.13 -0.80
C MET B 267 20.61 5.99 -0.84
N PHE B 268 19.95 6.43 0.22
CA PHE B 268 18.50 6.32 0.33
C PHE B 268 17.93 7.56 1.00
N ASP B 269 16.64 7.79 0.77
CA ASP B 269 15.90 8.84 1.46
C ASP B 269 14.43 8.46 1.46
N CYS B 270 13.73 8.89 2.50
CA CYS B 270 12.30 8.64 2.64
C CYS B 270 11.77 9.40 3.84
N VAL B 271 10.49 9.77 3.78
CA VAL B 271 9.82 10.44 4.89
C VAL B 271 9.16 9.41 5.77
N PHE B 272 9.48 8.13 5.53
CA PHE B 272 8.92 7.04 6.31
C PHE B 272 9.16 7.17 7.81
N PRO B 273 10.34 7.57 8.31
CA PRO B 273 10.48 7.71 9.77
C PRO B 273 9.56 8.76 10.37
N THR B 274 9.39 9.90 9.70
CA THR B 274 8.47 10.91 10.20
C THR B 274 7.02 10.46 10.07
N ARG B 275 6.68 9.80 8.95
CA ARG B 275 5.33 9.27 8.78
C ARG B 275 5.00 8.24 9.84
N THR B 276 5.98 7.40 10.20
CA THR B 276 5.75 6.39 11.24
C THR B 276 5.50 7.05 12.60
N ALA B 277 6.14 8.18 12.87
CA ALA B 277 5.98 8.85 14.16
C ALA B 277 4.59 9.45 14.31
N ARG B 278 3.96 9.87 13.20
CA ARG B 278 2.65 10.49 13.27
C ARG B 278 1.63 9.56 13.90
N PHE B 279 1.71 8.26 13.59
CA PHE B 279 0.77 7.28 14.08
C PHE B 279 1.14 6.74 15.45
N GLY B 280 2.10 7.38 16.13
CA GLY B 280 2.50 6.94 17.45
C GLY B 280 3.25 5.63 17.42
N SER B 281 4.20 5.50 16.50
CA SER B 281 4.92 4.26 16.29
C SER B 281 6.42 4.53 16.26
N ALA B 282 7.19 3.64 16.88
CA ALA B 282 8.63 3.78 17.00
C ALA B 282 9.31 2.55 16.41
N LEU B 283 10.31 2.80 15.56
CA LEU B 283 10.99 1.72 14.86
C LEU B 283 11.89 0.92 15.80
N VAL B 284 11.84 -0.39 15.69
CA VAL B 284 12.64 -1.31 16.50
C VAL B 284 13.11 -2.45 15.61
N PRO B 285 14.08 -3.27 16.05
CA PRO B 285 14.52 -4.39 15.20
C PRO B 285 13.41 -5.38 14.82
N THR B 286 12.26 -5.34 15.49
CA THR B 286 11.14 -6.22 15.16
C THR B 286 10.04 -5.49 14.39
N GLY B 287 10.31 -4.28 13.91
CA GLY B 287 9.31 -3.53 13.19
C GLY B 287 9.04 -2.18 13.82
N ASN B 288 7.89 -2.05 14.48
CA ASN B 288 7.52 -0.79 15.08
C ASN B 288 6.65 -1.04 16.31
N LEU B 289 6.86 -0.24 17.35
CA LEU B 289 6.07 -0.32 18.57
C LEU B 289 4.89 0.65 18.47
N GLN B 290 3.67 0.11 18.53
CA GLN B 290 2.47 0.93 18.53
C GLN B 290 2.25 1.43 19.95
N LEU B 291 2.95 2.52 20.28
CA LEU B 291 2.98 3.03 21.65
C LEU B 291 1.63 3.54 22.15
N ARG B 292 0.64 3.67 21.27
CA ARG B 292 -0.69 4.09 21.72
C ARG B 292 -1.42 2.97 22.45
N LYS B 293 -1.02 1.72 22.25
CA LYS B 293 -1.73 0.60 22.86
C LYS B 293 -1.46 0.52 24.36
N LYS B 294 -2.49 0.08 25.10
CA LYS B 294 -2.42 0.07 26.55
C LYS B 294 -1.35 -0.87 27.10
N VAL B 295 -0.79 -1.74 26.27
CA VAL B 295 0.22 -2.69 26.73
C VAL B 295 1.48 -1.97 27.20
N PHE B 296 1.68 -0.72 26.78
CA PHE B 296 2.84 0.07 27.20
C PHE B 296 2.50 1.07 28.30
N GLU B 297 1.32 0.97 28.90
CA GLU B 297 0.92 1.94 29.93
C GLU B 297 1.79 1.82 31.17
N LYS B 298 2.21 0.60 31.52
CA LYS B 298 3.07 0.37 32.67
C LYS B 298 4.44 -0.13 32.28
N ASP B 299 4.81 0.01 30.99
CA ASP B 299 6.14 -0.36 30.50
C ASP B 299 7.04 0.86 30.64
N PHE B 300 7.93 0.83 31.63
CA PHE B 300 8.79 1.96 31.94
C PHE B 300 10.21 1.81 31.41
N GLY B 301 10.46 0.79 30.60
CA GLY B 301 11.70 0.70 29.88
C GLY B 301 11.70 1.61 28.68
N PRO B 302 12.87 1.78 28.07
CA PRO B 302 12.97 2.60 26.87
C PRO B 302 12.33 1.92 25.67
N ILE B 303 12.23 2.67 24.57
CA ILE B 303 11.79 2.08 23.31
C ILE B 303 12.70 0.92 22.94
N ASP B 304 14.00 1.14 23.02
CA ASP B 304 15.00 0.13 22.68
C ASP B 304 16.19 0.31 23.62
N PRO B 305 16.51 -0.70 24.44
CA PRO B 305 17.67 -0.58 25.33
C PRO B 305 19.00 -0.51 24.60
N GLU B 306 19.04 -0.85 23.32
CA GLU B 306 20.26 -0.76 22.53
C GLU B 306 20.41 0.58 21.82
N CYS B 307 19.33 1.36 21.73
CA CYS B 307 19.36 2.62 21.00
C CYS B 307 20.05 3.71 21.81
N THR B 308 20.85 4.52 21.12
CA THR B 308 21.63 5.58 21.74
C THR B 308 20.99 6.95 21.61
N CYS B 309 19.78 7.03 21.06
CA CYS B 309 19.17 8.33 20.77
C CYS B 309 18.75 9.03 22.06
N PRO B 310 18.60 10.35 22.01
CA PRO B 310 18.17 11.08 23.22
C PRO B 310 16.83 10.62 23.77
N THR B 311 15.88 10.26 22.91
CA THR B 311 14.58 9.83 23.39
C THR B 311 14.70 8.59 24.28
N CYS B 312 15.56 7.65 23.91
CA CYS B 312 15.73 6.43 24.69
C CYS B 312 16.65 6.61 25.89
N GLN B 313 17.37 7.74 25.98
CA GLN B 313 18.23 7.97 27.14
C GLN B 313 17.49 8.59 28.31
N LYS B 314 16.41 9.34 28.05
CA LYS B 314 15.72 10.07 29.10
C LYS B 314 14.22 9.81 29.18
N HIS B 315 13.62 9.12 28.21
CA HIS B 315 12.18 8.91 28.20
C HIS B 315 11.87 7.41 28.07
N SER B 316 10.75 7.01 28.66
CA SER B 316 10.32 5.62 28.69
C SER B 316 9.11 5.42 27.79
N ARG B 317 8.75 4.15 27.58
CA ARG B 317 7.57 3.83 26.79
C ARG B 317 6.30 4.33 27.45
N ALA B 318 6.24 4.24 28.79
CA ALA B 318 5.05 4.70 29.50
C ALA B 318 4.87 6.21 29.38
N PHE B 319 5.97 6.95 29.44
CA PHE B 319 5.88 8.40 29.27
C PHE B 319 5.43 8.77 27.86
N LEU B 320 5.95 8.06 26.86
CA LEU B 320 5.53 8.32 25.49
C LEU B 320 4.11 7.85 25.25
N HIS B 321 3.72 6.73 25.86
CA HIS B 321 2.33 6.28 25.77
C HIS B 321 1.39 7.30 26.40
N ALA B 322 1.82 7.94 27.49
CA ALA B 322 1.01 8.97 28.12
C ALA B 322 1.05 10.28 27.35
N LEU B 323 2.22 10.61 26.77
CA LEU B 323 2.35 11.85 26.03
C LEU B 323 1.56 11.80 24.72
N LEU B 324 1.44 10.62 24.11
CA LEU B 324 0.70 10.50 22.86
C LEU B 324 -0.76 10.91 23.02
N HIS B 325 -1.35 10.66 24.17
CA HIS B 325 -2.76 10.92 24.40
C HIS B 325 -3.04 12.22 25.15
N SER B 326 -2.01 12.86 25.71
CA SER B 326 -2.16 14.14 26.38
C SER B 326 -1.54 15.30 25.60
N ASP B 327 -0.46 15.05 24.86
CA ASP B 327 0.19 16.07 24.04
C ASP B 327 0.74 15.35 22.80
N ASN B 328 -0.17 15.05 21.87
CA ASN B 328 0.21 14.27 20.69
C ASN B 328 1.27 14.99 19.85
N THR B 329 1.35 16.31 19.95
CA THR B 329 2.33 17.06 19.17
C THR B 329 3.75 16.78 19.67
N ALA B 330 3.98 16.92 20.98
CA ALA B 330 5.33 16.74 21.52
C ALA B 330 5.78 15.29 21.43
N ALA B 331 4.85 14.33 21.52
CA ALA B 331 5.24 12.92 21.44
C ALA B 331 5.75 12.58 20.05
N LEU B 332 5.18 13.20 19.01
CA LEU B 332 5.64 12.97 17.65
C LEU B 332 7.09 13.42 17.47
N HIS B 333 7.50 14.48 18.17
CA HIS B 333 8.89 14.92 18.08
C HIS B 333 9.84 13.90 18.69
N HIS B 334 9.50 13.39 19.87
CA HIS B 334 10.35 12.39 20.50
C HIS B 334 10.42 11.12 19.67
N LEU B 335 9.30 10.75 19.03
CA LEU B 335 9.31 9.58 18.15
C LEU B 335 10.10 9.85 16.87
N THR B 336 10.05 11.08 16.36
CA THR B 336 10.80 11.41 15.16
C THR B 336 12.31 11.32 15.42
N VAL B 337 12.76 11.81 16.57
CA VAL B 337 14.18 11.73 16.91
C VAL B 337 14.64 10.28 16.96
N HIS B 338 13.83 9.40 17.56
CA HIS B 338 14.22 8.00 17.67
C HIS B 338 14.18 7.29 16.32
N ASN B 339 13.10 7.49 15.56
CA ASN B 339 12.95 6.79 14.29
C ASN B 339 14.07 7.15 13.32
N ILE B 340 14.55 8.38 13.35
CA ILE B 340 15.67 8.77 12.50
C ILE B 340 16.96 8.15 13.01
N ALA B 341 17.12 8.09 14.34
CA ALA B 341 18.30 7.45 14.91
C ALA B 341 18.32 5.96 14.57
N TYR B 342 17.15 5.32 14.52
CA TYR B 342 17.09 3.93 14.11
C TYR B 342 17.61 3.75 12.68
N GLN B 343 17.20 4.65 11.78
CA GLN B 343 17.69 4.58 10.40
C GLN B 343 19.19 4.75 10.35
N LEU B 344 19.72 5.72 11.10
CA LEU B 344 21.16 5.96 11.09
C LEU B 344 21.93 4.80 11.69
N GLN B 345 21.42 4.23 12.79
CA GLN B 345 22.08 3.10 13.42
C GLN B 345 21.95 1.83 12.59
N LEU B 346 20.86 1.71 11.82
CA LEU B 346 20.71 0.54 10.95
C LEU B 346 21.73 0.56 9.83
N MET B 347 21.87 1.69 9.14
CA MET B 347 22.86 1.78 8.07
C MET B 347 24.27 1.65 8.61
N SER B 348 24.51 2.09 9.85
CA SER B 348 25.82 1.93 10.45
C SER B 348 26.13 0.47 10.75
N ALA B 349 25.12 -0.29 11.20
CA ALA B 349 25.33 -1.71 11.47
C ALA B 349 25.45 -2.50 10.17
N VAL B 350 24.68 -2.13 9.15
CA VAL B 350 24.79 -2.78 7.85
C VAL B 350 26.19 -2.61 7.29
N ARG B 351 26.71 -1.38 7.34
CA ARG B 351 28.04 -1.10 6.79
C ARG B 351 29.11 -1.88 7.56
N THR B 352 28.96 -1.96 8.88
CA THR B 352 29.94 -2.68 9.70
C THR B 352 30.01 -4.16 9.31
N SER B 353 28.86 -4.78 9.06
CA SER B 353 28.85 -6.19 8.68
C SER B 353 29.54 -6.41 7.34
N ILE B 354 29.39 -5.45 6.41
CA ILE B 354 30.09 -5.54 5.14
C ILE B 354 31.60 -5.47 5.36
N VAL B 355 32.04 -4.50 6.17
CA VAL B 355 33.46 -4.35 6.47
C VAL B 355 34.01 -5.61 7.14
N GLU B 356 33.20 -6.23 7.99
CA GLU B 356 33.63 -7.42 8.73
C GLU B 356 33.31 -8.72 7.99
N LYS B 357 32.93 -8.63 6.71
CA LYS B 357 32.75 -9.80 5.85
C LYS B 357 31.74 -10.79 6.42
N ARG B 358 30.61 -10.26 6.88
CA ARG B 358 29.53 -11.10 7.41
C ARG B 358 28.16 -10.56 7.05
N PHE B 359 28.05 -9.87 5.92
CA PHE B 359 26.76 -9.31 5.51
C PHE B 359 25.67 -10.36 5.31
N PRO B 360 25.92 -11.51 4.69
CA PRO B 360 24.86 -12.54 4.62
C PRO B 360 24.36 -12.97 5.99
N ASP B 361 25.27 -13.15 6.95
CA ASP B 361 24.84 -13.48 8.31
C ASP B 361 24.06 -12.34 8.94
N PHE B 362 24.38 -11.09 8.60
CA PHE B 362 23.63 -9.96 9.11
C PHE B 362 22.20 -9.97 8.60
N VAL B 363 22.00 -10.32 7.32
CA VAL B 363 20.67 -10.26 6.74
C VAL B 363 19.76 -11.31 7.39
N ARG B 364 20.29 -12.50 7.65
CA ARG B 364 19.48 -13.53 8.29
C ARG B 364 19.08 -13.13 9.71
N ASP B 365 20.02 -12.53 10.46
CA ASP B 365 19.67 -12.03 11.79
C ASP B 365 18.65 -10.90 11.71
N PHE B 366 18.75 -10.07 10.68
CA PHE B 366 17.77 -9.00 10.50
C PHE B 366 16.38 -9.57 10.20
N MET B 367 16.31 -10.54 9.27
CA MET B 367 15.03 -11.11 8.90
C MET B 367 14.44 -11.94 10.04
N GLY B 368 15.28 -12.58 10.84
CA GLY B 368 14.78 -13.33 11.98
C GLY B 368 14.17 -12.44 13.03
N ALA B 369 14.82 -11.30 13.31
CA ALA B 369 14.26 -10.37 14.29
C ALA B 369 13.05 -9.65 13.73
N MET B 370 13.02 -9.40 12.41
CA MET B 370 11.95 -8.61 11.83
C MET B 370 10.67 -9.41 11.64
N TYR B 371 10.80 -10.67 11.21
CA TYR B 371 9.64 -11.48 10.85
C TYR B 371 9.51 -12.76 11.67
N GLY B 372 10.29 -12.90 12.74
CA GLY B 372 10.19 -14.08 13.60
C GLY B 372 11.25 -15.13 13.30
N ASP B 373 11.28 -15.59 12.05
CA ASP B 373 12.26 -16.55 11.58
C ASP B 373 12.67 -16.13 10.18
N PRO B 374 13.94 -16.27 9.81
CA PRO B 374 14.38 -15.83 8.48
C PRO B 374 13.57 -16.39 7.32
N THR B 375 13.05 -17.61 7.46
CA THR B 375 12.24 -18.19 6.39
C THR B 375 10.87 -17.53 6.27
N LEU B 376 10.43 -16.81 7.29
CA LEU B 376 9.16 -16.07 7.25
C LEU B 376 9.30 -14.71 6.60
N CYS B 377 10.45 -14.43 5.99
CA CYS B 377 10.62 -13.20 5.25
C CYS B 377 9.66 -13.17 4.06
N PRO B 378 9.12 -12.00 3.70
CA PRO B 378 8.25 -11.92 2.53
C PRO B 378 8.91 -12.49 1.29
N THR B 379 8.08 -13.08 0.42
CA THR B 379 8.62 -13.82 -0.72
C THR B 379 9.39 -12.93 -1.68
N TRP B 380 8.96 -11.67 -1.84
CA TRP B 380 9.65 -10.79 -2.77
C TRP B 380 11.08 -10.52 -2.31
N ALA B 381 11.28 -10.33 -1.01
CA ALA B 381 12.62 -10.10 -0.48
C ALA B 381 13.45 -11.37 -0.47
N THR B 382 12.81 -12.53 -0.33
CA THR B 382 13.53 -13.79 -0.47
C THR B 382 14.00 -13.97 -1.90
N ASP B 383 13.16 -13.61 -2.88
CA ASP B 383 13.56 -13.69 -4.28
C ASP B 383 14.68 -12.71 -4.58
N ALA B 384 14.58 -11.48 -4.07
CA ALA B 384 15.60 -10.47 -4.36
C ALA B 384 16.94 -10.87 -3.76
N LEU B 385 16.95 -11.35 -2.52
CA LEU B 385 18.19 -11.74 -1.89
C LEU B 385 18.80 -12.96 -2.57
N ALA B 386 17.97 -13.92 -2.98
CA ALA B 386 18.50 -15.11 -3.64
C ALA B 386 19.04 -14.79 -5.03
N SER B 387 18.51 -13.74 -5.68
CA SER B 387 19.01 -13.37 -7.00
C SER B 387 20.45 -12.86 -6.95
N VAL B 388 20.93 -12.46 -5.78
CA VAL B 388 22.31 -11.98 -5.61
C VAL B 388 23.10 -12.86 -4.64
N GLY B 389 22.57 -14.03 -4.29
CA GLY B 389 23.35 -15.03 -3.59
C GLY B 389 23.24 -15.05 -2.09
N ILE B 390 22.11 -14.65 -1.53
CA ILE B 390 21.87 -14.69 -0.09
C ILE B 390 20.62 -15.51 0.15
N THR B 391 20.79 -16.69 0.75
CA THR B 391 19.69 -17.56 1.10
C THR B 391 19.33 -17.38 2.57
N LEU B 392 18.04 -17.53 2.87
CA LEU B 392 17.50 -17.28 4.19
C LEU B 392 17.19 -18.61 4.88
N GLY B 393 17.72 -18.79 6.08
CA GLY B 393 17.50 -20.00 6.85
C GLY B 393 17.85 -19.86 8.31
K K C . -9.67 -24.83 -12.63
ZN ZN D . -10.97 -13.69 19.41
CL CL E . -28.47 6.77 12.89
CL CL F . -31.50 -11.61 -13.84
CL CL G . 9.39 -5.45 22.56
CL CL H . -1.76 -19.74 29.07
CL CL I . -11.56 -13.95 4.73
BR BR J . -35.51 -14.32 -5.69
K K K . 7.78 27.90 -3.36
ZN ZN L . 15.92 5.61 20.56
CL CL M . -3.04 -4.06 24.37
CL CL N . 30.29 -9.67 3.28
CL CL O . 28.33 17.30 -14.47
CL CL P . 13.42 11.51 7.36
CL CL Q . 8.92 7.26 33.45
BR BR R . 8.67 24.63 -25.11
N GLU S . 16.73 26.94 -25.39
CA GLU S . 17.48 25.89 -24.72
C GLU S . 18.79 26.46 -24.15
O GLU S . 19.80 25.72 -24.05
CB GLU S . 17.77 24.74 -25.68
CG GLU S . 17.06 23.47 -25.23
CD GLU S . 15.64 23.42 -25.78
OE1 GLU S . 15.27 22.42 -26.47
OE2 GLU S . 14.82 24.35 -25.55
OXT GLU S . 18.85 27.66 -23.78
#